data_2C5D
#
_entry.id   2C5D
#
_cell.length_a   292.951
_cell.length_b   292.951
_cell.length_c   63.951
_cell.angle_alpha   90.00
_cell.angle_beta   90.00
_cell.angle_gamma   120.00
#
_symmetry.space_group_name_H-M   'P 61'
#
loop_
_entity.id
_entity.type
_entity.pdbx_description
1 polymer 'GROWTH-ARREST-SPECIFIC PROTEIN 6 PRECURSOR'
2 polymer 'TYROSINE-PROTEIN KINASE RECEPTOR UFO'
3 branched 2-acetamido-2-deoxy-beta-D-glucopyranose-(1-4)-2-acetamido-2-deoxy-beta-D-glucopyranose
4 non-polymer 'CALCIUM ION'
5 non-polymer 'NICKEL (II) ION'
6 non-polymer 'SULFATE ION'
#
loop_
_entity_poly.entity_id
_entity_poly.type
_entity_poly.pdbx_seq_one_letter_code
_entity_poly.pdbx_strand_id
1 'polypeptide(L)'
;APLAHCDGRGGLKLSQDMDTCEDILPCVPFSVAKSVKSLYLGRMFSGTPVIRLRFKRLQPTRLVAEFDFRTFDPEGILLF
AGGHQDSTWIVLALRAGRLELQLRYNGVGRVTSSGPVINHGMWQTISVEELARNLVIKVNRDAVMKIAVAGDLFQPERGL
YHLNLTVGGIPFHEKDLVQPINPRLDGCMRSWNWLNGEDTTIQETVKVNTRMQCFSVTERGSFYPGSGFAFYSLDYMRTP
LDVGTESTWEVEVVAHIRPAADTGVLFALWAPDLRAVPLSVALVDYHSTKKLKKQLVVLAVEHTALALMEIKVCDGQEHV
VTVSLRDGEATLEVDGTRGQSEVSAAQLQERLAVLERHLRSPVLTFAGGLPDVPVTSAPVTAFYRGCMTLEVNRRLLDLD
EAAYKHSDITAHSCPPVEPAAA
;
A,B
2 'polypeptide(L)'
;EESPFVGNPGNITGARGLTGTLRCQLQVQGEPPEVHWLRDGQILELADSTQTQVPLGEDEQDDWIVVSQLRITSLQLSDT
GQYQCLVFLGHQTFVSQPGYVGLEGLPYFLEEPEDRTVAANTPFNLSCQAQGPPEPVDLLWLQDAVPLATAPGHGPQRSL
HVPGLNKTSSFSCEAHNAKGVTTSRTATITVLPQQ
;
C,D
#
loop_
_chem_comp.id
_chem_comp.type
_chem_comp.name
_chem_comp.formula
CA non-polymer 'CALCIUM ION' 'Ca 2'
NAG D-saccharide, beta linking 2-acetamido-2-deoxy-beta-D-glucopyranose 'C8 H15 N O6'
NI non-polymer 'NICKEL (II) ION' 'Ni 2'
SO4 non-polymer 'SULFATE ION' 'O4 S -2'
#
# COMPACT_ATOMS: atom_id res chain seq x y z
N ASP A 23 13.23 30.63 37.65
CA ASP A 23 12.74 29.86 36.46
C ASP A 23 11.27 29.47 36.61
N ILE A 24 10.46 29.82 35.61
CA ILE A 24 9.03 29.47 35.63
C ILE A 24 8.88 28.16 34.85
N LEU A 25 7.98 27.29 35.32
CA LEU A 25 7.76 26.00 34.66
C LEU A 25 6.31 25.78 34.29
N PRO A 26 6.05 24.93 33.29
CA PRO A 26 4.70 24.61 32.83
C PRO A 26 3.88 23.86 33.88
N CYS A 27 2.95 24.56 34.52
CA CYS A 27 2.13 23.93 35.55
C CYS A 27 1.02 23.09 34.92
N VAL A 28 0.82 23.27 33.62
CA VAL A 28 -0.20 22.52 32.89
C VAL A 28 0.33 22.25 31.49
N PRO A 29 1.08 21.15 31.31
CA PRO A 29 1.65 20.80 30.00
C PRO A 29 0.60 20.29 29.01
N PHE A 30 0.91 20.46 27.72
CA PHE A 30 0.03 20.02 26.65
C PHE A 30 0.65 18.83 25.92
N SER A 31 -0.16 18.12 25.14
CA SER A 31 0.31 16.97 24.38
C SER A 31 1.10 17.42 23.16
N VAL A 32 2.35 17.80 23.39
CA VAL A 32 3.23 18.25 22.33
C VAL A 32 3.72 17.02 21.55
N ALA A 33 2.76 16.27 21.01
CA ALA A 33 3.08 15.07 20.25
C ALA A 33 2.91 15.34 18.77
N LYS A 34 4.01 15.31 18.04
CA LYS A 34 3.96 15.56 16.60
C LYS A 34 3.51 14.30 15.86
N SER A 35 3.63 14.30 14.54
CA SER A 35 3.21 13.16 13.73
C SER A 35 4.15 13.02 12.53
N VAL A 36 5.25 12.31 12.73
CA VAL A 36 6.28 12.09 11.71
C VAL A 36 5.85 11.76 10.29
N LYS A 37 4.61 11.35 10.12
CA LYS A 37 4.12 10.98 8.80
C LYS A 37 3.38 12.11 8.12
N SER A 38 3.25 13.23 8.83
CA SER A 38 2.51 14.37 8.30
C SER A 38 3.37 15.48 7.70
N LEU A 39 2.70 16.57 7.33
CA LEU A 39 3.35 17.74 6.74
C LEU A 39 2.61 19.00 7.14
N TYR A 40 3.32 19.93 7.78
CA TYR A 40 2.73 21.19 8.22
C TYR A 40 2.85 22.24 7.12
N LEU A 41 1.71 22.73 6.67
CA LEU A 41 1.67 23.74 5.63
C LEU A 41 1.85 25.15 6.18
N GLY A 42 1.62 25.35 7.47
CA GLY A 42 1.80 26.68 8.01
C GLY A 42 3.17 26.95 8.61
N ARG A 43 4.14 26.08 8.37
CA ARG A 43 5.45 26.26 8.98
C ARG A 43 6.07 27.63 8.84
N MET A 44 5.93 28.23 7.67
CA MET A 44 6.54 29.53 7.46
C MET A 44 5.60 30.71 7.30
N PHE A 45 5.76 31.70 8.18
CA PHE A 45 4.92 32.89 8.18
C PHE A 45 5.09 33.71 6.93
N SER A 46 6.25 33.57 6.30
CA SER A 46 6.54 34.33 5.09
C SER A 46 5.78 33.89 3.87
N GLY A 47 4.86 32.95 4.04
CA GLY A 47 4.05 32.47 2.93
C GLY A 47 4.81 31.76 1.81
N THR A 48 6.05 31.37 2.07
CA THR A 48 6.86 30.68 1.08
C THR A 48 6.31 29.28 1.07
N PRO A 49 6.30 28.62 -0.09
CA PRO A 49 5.77 27.27 -0.14
C PRO A 49 6.69 26.39 0.67
N VAL A 50 6.12 25.44 1.41
CA VAL A 50 6.88 24.53 2.24
C VAL A 50 7.55 23.47 1.42
N ILE A 51 7.16 23.36 0.15
CA ILE A 51 7.72 22.37 -0.78
C ILE A 51 7.52 22.85 -2.20
N ARG A 52 8.53 22.66 -3.03
CA ARG A 52 8.44 23.05 -4.42
C ARG A 52 8.92 21.89 -5.29
N LEU A 53 8.07 21.48 -6.21
CA LEU A 53 8.42 20.41 -7.11
C LEU A 53 8.54 21.01 -8.49
N ARG A 54 9.46 20.44 -9.27
CA ARG A 54 9.67 20.88 -10.64
C ARG A 54 9.71 19.64 -11.51
N PHE A 55 8.73 19.50 -12.38
CA PHE A 55 8.66 18.32 -13.23
C PHE A 55 9.12 18.53 -14.66
N LYS A 56 10.04 17.68 -15.09
CA LYS A 56 10.52 17.66 -16.47
C LYS A 56 10.16 16.25 -16.91
N ARG A 57 9.34 16.18 -17.96
CA ARG A 57 8.84 14.92 -18.47
C ARG A 57 9.02 14.86 -19.98
N LEU A 58 9.30 13.65 -20.47
CA LEU A 58 9.56 13.42 -21.89
C LEU A 58 8.36 13.50 -22.80
N GLN A 59 7.22 13.03 -22.30
CA GLN A 59 5.99 13.05 -23.06
C GLN A 59 4.87 13.77 -22.32
N PRO A 60 3.81 14.14 -23.04
CA PRO A 60 2.65 14.83 -22.48
C PRO A 60 2.29 14.19 -21.16
N THR A 61 1.88 14.99 -20.18
CA THR A 61 1.57 14.44 -18.88
C THR A 61 0.33 15.05 -18.22
N ARG A 62 -0.54 14.19 -17.70
CA ARG A 62 -1.75 14.63 -17.02
C ARG A 62 -1.41 14.96 -15.57
N LEU A 63 -1.86 16.10 -15.06
CA LEU A 63 -1.58 16.46 -13.67
C LEU A 63 -2.51 15.73 -12.74
N VAL A 64 -1.99 15.21 -11.65
CA VAL A 64 -2.83 14.52 -10.69
C VAL A 64 -2.23 14.64 -9.31
N ALA A 65 -2.92 15.31 -8.41
CA ALA A 65 -2.43 15.46 -7.07
C ALA A 65 -3.53 15.00 -6.17
N GLU A 66 -3.16 14.33 -5.08
CA GLU A 66 -4.14 13.83 -4.13
C GLU A 66 -3.43 13.82 -2.79
N PHE A 67 -4.18 14.03 -1.71
CA PHE A 67 -3.58 14.03 -0.39
C PHE A 67 -4.66 14.08 0.66
N ASP A 68 -4.29 13.73 1.89
CA ASP A 68 -5.21 13.76 3.01
C ASP A 68 -4.93 15.11 3.64
N PHE A 69 -5.97 15.82 4.07
CA PHE A 69 -5.81 17.17 4.59
C PHE A 69 -6.70 17.47 5.77
N ARG A 70 -6.14 18.11 6.79
CA ARG A 70 -6.90 18.46 7.99
C ARG A 70 -6.66 19.92 8.40
N THR A 71 -7.73 20.67 8.68
CA THR A 71 -7.54 22.07 9.06
C THR A 71 -8.75 22.76 9.70
N PHE A 72 -8.46 23.88 10.36
CA PHE A 72 -9.46 24.72 10.99
C PHE A 72 -9.40 26.06 10.26
N ASP A 73 -8.19 26.46 9.88
CA ASP A 73 -7.97 27.72 9.16
C ASP A 73 -8.96 27.75 8.00
N PRO A 74 -9.79 28.79 7.92
CA PRO A 74 -10.81 28.99 6.88
C PRO A 74 -10.28 29.49 5.58
N GLU A 75 -9.06 30.02 5.60
CA GLU A 75 -8.47 30.60 4.41
C GLU A 75 -7.03 30.19 4.26
N GLY A 76 -6.64 29.85 3.04
CA GLY A 76 -5.27 29.46 2.80
C GLY A 76 -5.05 28.87 1.44
N ILE A 77 -3.81 28.60 1.11
CA ILE A 77 -3.49 28.01 -0.16
C ILE A 77 -2.99 26.59 0.00
N LEU A 78 -3.68 25.65 -0.64
CA LEU A 78 -3.35 24.24 -0.61
C LEU A 78 -2.17 23.97 -1.58
N LEU A 79 -2.37 24.22 -2.87
CA LEU A 79 -1.29 24.00 -3.80
C LEU A 79 -1.37 24.78 -5.10
N PHE A 80 -0.20 25.05 -5.67
CA PHE A 80 -0.11 25.76 -6.93
C PHE A 80 0.45 24.75 -7.91
N ALA A 81 -0.01 24.83 -9.15
CA ALA A 81 0.43 23.91 -10.18
C ALA A 81 0.36 24.59 -11.52
N GLY A 82 1.47 24.62 -12.23
CA GLY A 82 1.46 25.24 -13.52
C GLY A 82 2.79 25.84 -13.90
N GLY A 83 2.72 26.84 -14.77
CA GLY A 83 3.93 27.49 -15.23
C GLY A 83 4.24 28.84 -14.59
N HIS A 84 4.46 29.82 -15.46
CA HIS A 84 4.80 31.18 -15.04
C HIS A 84 3.56 31.94 -14.62
N GLN A 85 3.73 32.80 -13.62
CA GLN A 85 2.68 33.66 -13.09
C GLN A 85 1.64 34.15 -14.10
N ASP A 86 2.08 34.62 -15.27
CA ASP A 86 1.13 35.12 -16.26
C ASP A 86 1.01 34.25 -17.51
N SER A 87 1.31 32.97 -17.36
CA SER A 87 1.18 32.02 -18.47
C SER A 87 -0.11 31.22 -18.27
N THR A 88 0.00 30.05 -17.65
CA THR A 88 -1.16 29.21 -17.36
C THR A 88 -0.87 28.33 -16.15
N TRP A 89 -1.74 28.43 -15.14
CA TRP A 89 -1.58 27.68 -13.90
C TRP A 89 -2.92 27.56 -13.19
N ILE A 90 -2.91 26.83 -12.08
CA ILE A 90 -4.11 26.67 -11.27
C ILE A 90 -3.71 26.74 -9.82
N VAL A 91 -4.64 27.16 -8.96
CA VAL A 91 -4.35 27.22 -7.54
C VAL A 91 -5.56 26.66 -6.86
N LEU A 92 -5.36 25.74 -5.93
CA LEU A 92 -6.47 25.15 -5.21
C LEU A 92 -6.36 25.74 -3.83
N ALA A 93 -7.38 26.45 -3.38
CA ALA A 93 -7.30 27.06 -2.06
C ALA A 93 -8.54 26.95 -1.19
N LEU A 94 -8.35 27.40 0.04
CA LEU A 94 -9.40 27.39 1.04
C LEU A 94 -9.76 28.84 1.32
N ARG A 95 -11.02 29.16 1.13
CA ARG A 95 -11.51 30.50 1.39
C ARG A 95 -12.92 30.36 1.93
N ALA A 96 -13.13 30.89 3.13
CA ALA A 96 -14.42 30.82 3.79
C ALA A 96 -14.62 29.39 4.24
N GLY A 97 -13.51 28.67 4.44
CA GLY A 97 -13.61 27.29 4.87
C GLY A 97 -14.01 26.35 3.76
N ARG A 98 -14.12 26.85 2.54
CA ARG A 98 -14.49 26.03 1.39
C ARG A 98 -13.40 26.02 0.31
N LEU A 99 -13.47 25.06 -0.61
CA LEU A 99 -12.46 24.96 -1.66
C LEU A 99 -12.64 26.00 -2.75
N GLU A 100 -11.56 26.69 -3.08
CA GLU A 100 -11.59 27.68 -4.14
C GLU A 100 -10.58 27.25 -5.18
N LEU A 101 -10.94 27.40 -6.45
CA LEU A 101 -10.03 27.04 -7.51
C LEU A 101 -9.83 28.22 -8.45
N GLN A 102 -8.60 28.70 -8.60
CA GLN A 102 -8.34 29.79 -9.51
C GLN A 102 -7.60 29.31 -10.75
N LEU A 103 -8.01 29.78 -11.92
CA LEU A 103 -7.41 29.35 -13.17
C LEU A 103 -6.95 30.48 -14.04
N ARG A 104 -5.79 30.32 -14.64
CA ARG A 104 -5.34 31.32 -15.58
C ARG A 104 -4.76 30.46 -16.68
N TYR A 105 -5.39 30.52 -17.84
CA TYR A 105 -4.92 29.77 -18.99
C TYR A 105 -4.62 30.84 -20.03
N ASN A 106 -3.55 31.59 -19.76
CA ASN A 106 -3.06 32.70 -20.58
C ASN A 106 -3.90 33.96 -20.47
N GLY A 107 -3.61 34.76 -19.44
CA GLY A 107 -4.34 36.01 -19.23
C GLY A 107 -5.79 35.90 -18.77
N VAL A 108 -6.50 34.91 -19.30
CA VAL A 108 -7.90 34.65 -18.97
C VAL A 108 -8.09 34.16 -17.53
N GLY A 109 -8.42 35.07 -16.62
CA GLY A 109 -8.61 34.68 -15.23
C GLY A 109 -9.93 33.96 -15.03
N ARG A 110 -10.09 33.32 -13.87
CA ARG A 110 -11.30 32.59 -13.55
C ARG A 110 -11.18 32.03 -12.14
N VAL A 111 -12.29 31.91 -11.44
CA VAL A 111 -12.26 31.38 -10.09
C VAL A 111 -13.60 30.75 -9.76
N THR A 112 -13.53 29.55 -9.16
CA THR A 112 -14.72 28.80 -8.80
C THR A 112 -14.66 28.33 -7.36
N SER A 113 -15.82 28.09 -6.78
CA SER A 113 -15.88 27.62 -5.40
C SER A 113 -17.12 26.80 -5.11
N SER A 114 -16.92 25.68 -4.43
CA SER A 114 -18.02 24.80 -4.07
C SER A 114 -17.59 23.73 -3.08
N GLY A 115 -18.33 22.64 -3.07
CA GLY A 115 -18.02 21.56 -2.16
C GLY A 115 -18.51 21.78 -0.75
N PRO A 116 -18.14 20.88 0.16
CA PRO A 116 -18.53 20.97 1.56
C PRO A 116 -17.56 21.83 2.35
N VAL A 117 -17.76 21.86 3.65
CA VAL A 117 -16.89 22.61 4.52
C VAL A 117 -15.64 21.76 4.63
N ILE A 118 -14.48 22.40 4.67
CA ILE A 118 -13.24 21.64 4.77
C ILE A 118 -12.58 21.85 6.11
N ASN A 119 -12.70 23.06 6.64
CA ASN A 119 -12.07 23.41 7.92
C ASN A 119 -12.79 22.93 9.16
N HIS A 120 -13.22 21.66 9.13
CA HIS A 120 -13.94 21.07 10.23
C HIS A 120 -13.04 20.32 11.21
N GLY A 121 -11.74 20.33 10.96
CA GLY A 121 -10.83 19.67 11.87
C GLY A 121 -10.65 18.18 11.72
N MET A 122 -11.44 17.58 10.83
CA MET A 122 -11.34 16.15 10.60
C MET A 122 -10.54 15.91 9.33
N TRP A 123 -9.90 14.75 9.24
CA TRP A 123 -9.12 14.41 8.06
C TRP A 123 -10.02 14.16 6.89
N GLN A 124 -9.46 14.28 5.69
CA GLN A 124 -10.24 14.06 4.49
C GLN A 124 -9.33 13.89 3.30
N THR A 125 -9.92 13.64 2.15
CA THR A 125 -9.12 13.45 0.97
C THR A 125 -9.51 14.38 -0.15
N ILE A 126 -8.53 15.14 -0.61
CA ILE A 126 -8.75 16.10 -1.67
C ILE A 126 -7.83 15.75 -2.82
N SER A 127 -8.31 15.99 -4.04
CA SER A 127 -7.50 15.71 -5.22
C SER A 127 -7.91 16.50 -6.45
N VAL A 128 -6.89 16.94 -7.20
CA VAL A 128 -7.08 17.71 -8.41
C VAL A 128 -6.54 16.85 -9.54
N GLU A 129 -7.19 16.89 -10.70
CA GLU A 129 -6.72 16.11 -11.83
C GLU A 129 -7.25 16.61 -13.15
N GLU A 130 -6.53 16.29 -14.22
CA GLU A 130 -6.94 16.75 -15.53
C GLU A 130 -7.75 15.74 -16.36
N LEU A 131 -8.63 14.98 -15.73
CA LEU A 131 -9.48 14.03 -16.46
C LEU A 131 -10.15 14.70 -17.67
N ALA A 132 -10.17 14.01 -18.80
CA ALA A 132 -10.78 14.56 -20.02
C ALA A 132 -10.23 15.94 -20.36
N ARG A 133 -11.10 16.81 -20.88
CA ARG A 133 -10.70 18.17 -21.22
C ARG A 133 -11.19 19.13 -20.12
N ASN A 134 -11.56 18.55 -18.98
CA ASN A 134 -12.01 19.32 -17.84
C ASN A 134 -10.94 19.25 -16.76
N LEU A 135 -11.26 19.76 -15.58
CA LEU A 135 -10.35 19.75 -14.46
C LEU A 135 -11.28 19.31 -13.34
N VAL A 136 -10.98 18.18 -12.70
CA VAL A 136 -11.86 17.68 -11.67
C VAL A 136 -11.32 17.73 -10.26
N ILE A 137 -12.16 18.17 -9.33
CA ILE A 137 -11.75 18.27 -7.94
C ILE A 137 -12.65 17.40 -7.11
N LYS A 138 -12.04 16.58 -6.25
CA LYS A 138 -12.78 15.64 -5.41
C LYS A 138 -12.43 15.72 -3.93
N VAL A 139 -13.44 15.51 -3.11
CA VAL A 139 -13.25 15.49 -1.66
C VAL A 139 -13.81 14.12 -1.26
N ASN A 140 -12.93 13.27 -0.74
CA ASN A 140 -13.28 11.90 -0.36
C ASN A 140 -13.70 11.10 -1.57
N ARG A 141 -12.81 11.03 -2.55
CA ARG A 141 -13.02 10.30 -3.77
C ARG A 141 -14.33 10.62 -4.49
N ASP A 142 -15.01 11.68 -4.05
CA ASP A 142 -16.25 12.09 -4.67
C ASP A 142 -16.05 13.50 -5.28
N ALA A 143 -16.52 13.71 -6.51
CA ALA A 143 -16.35 15.01 -7.17
C ALA A 143 -17.23 16.14 -6.63
N VAL A 144 -16.66 17.35 -6.64
CA VAL A 144 -17.37 18.53 -6.15
C VAL A 144 -17.31 19.61 -7.23
N MET A 145 -16.23 19.61 -8.00
CA MET A 145 -16.08 20.61 -9.03
C MET A 145 -15.52 20.05 -10.30
N LYS A 146 -16.15 20.38 -11.41
CA LYS A 146 -15.67 19.94 -12.69
C LYS A 146 -15.63 21.23 -13.52
N ILE A 147 -14.43 21.72 -13.83
CA ILE A 147 -14.32 22.93 -14.61
C ILE A 147 -13.75 22.60 -15.96
N ALA A 148 -14.30 23.22 -16.99
CA ALA A 148 -13.80 22.99 -18.33
C ALA A 148 -12.60 23.88 -18.58
N VAL A 149 -11.53 23.31 -19.10
CA VAL A 149 -10.34 24.10 -19.44
C VAL A 149 -10.02 23.83 -20.91
N ALA A 150 -9.18 24.68 -21.50
CA ALA A 150 -8.81 24.50 -22.90
C ALA A 150 -7.30 24.47 -23.07
N GLY A 151 -6.69 23.39 -22.59
CA GLY A 151 -5.25 23.28 -22.67
C GLY A 151 -4.71 22.47 -21.53
N ASP A 152 -3.41 22.19 -21.58
CA ASP A 152 -2.81 21.37 -20.55
C ASP A 152 -1.89 22.17 -19.63
N LEU A 153 -1.81 21.76 -18.38
CA LEU A 153 -0.96 22.47 -17.45
C LEU A 153 0.52 22.29 -17.77
N PHE A 154 0.94 21.08 -18.14
CA PHE A 154 2.34 20.88 -18.51
C PHE A 154 2.61 21.64 -19.80
N GLN A 155 3.67 22.43 -19.81
CA GLN A 155 3.99 23.22 -20.98
C GLN A 155 5.27 22.77 -21.68
N PRO A 156 5.26 22.77 -23.03
CA PRO A 156 6.37 22.38 -23.89
C PRO A 156 7.44 23.44 -23.92
N GLU A 157 8.62 23.09 -23.44
CA GLU A 157 9.76 23.99 -23.43
C GLU A 157 11.02 23.17 -23.71
N ARG A 158 11.61 23.41 -24.89
CA ARG A 158 12.82 22.71 -25.31
C ARG A 158 12.70 21.18 -25.35
N GLY A 159 11.82 20.69 -26.22
CA GLY A 159 11.64 19.26 -26.38
C GLY A 159 11.31 18.48 -25.13
N LEU A 160 10.78 19.17 -24.13
CA LEU A 160 10.39 18.53 -22.88
C LEU A 160 9.18 19.27 -22.33
N TYR A 161 8.36 18.56 -21.55
CA TYR A 161 7.21 19.24 -20.97
C TYR A 161 7.55 19.55 -19.53
N HIS A 162 7.16 20.74 -19.06
CA HIS A 162 7.46 21.12 -17.69
C HIS A 162 6.23 21.51 -16.91
N LEU A 163 6.37 21.51 -15.59
CA LEU A 163 5.30 21.91 -14.72
C LEU A 163 5.83 22.03 -13.32
N ASN A 164 5.52 23.15 -12.67
CA ASN A 164 5.94 23.37 -11.30
C ASN A 164 4.78 23.13 -10.38
N LEU A 165 5.07 22.74 -9.15
CA LEU A 165 4.01 22.49 -8.20
C LEU A 165 4.49 22.84 -6.82
N THR A 166 3.82 23.80 -6.18
CA THR A 166 4.19 24.23 -4.84
C THR A 166 3.06 23.91 -3.88
N VAL A 167 3.45 23.58 -2.66
CA VAL A 167 2.49 23.20 -1.65
C VAL A 167 2.42 24.22 -0.53
N GLY A 168 1.20 24.52 -0.09
CA GLY A 168 0.99 25.47 0.97
C GLY A 168 1.53 26.86 0.68
N GLY A 169 1.37 27.34 -0.55
CA GLY A 169 1.86 28.66 -0.89
C GLY A 169 2.08 28.78 -2.38
N ILE A 170 2.36 29.97 -2.89
CA ILE A 170 2.60 30.12 -4.33
C ILE A 170 3.97 30.71 -4.69
N PRO A 171 4.39 30.55 -5.94
CA PRO A 171 5.66 31.04 -6.44
C PRO A 171 5.73 32.55 -6.61
N PHE A 172 4.59 33.24 -6.51
CA PHE A 172 4.58 34.68 -6.66
C PHE A 172 3.80 35.44 -5.56
N HIS A 173 3.50 36.72 -5.79
CA HIS A 173 2.78 37.52 -4.78
C HIS A 173 1.27 37.44 -4.91
N GLU A 174 0.59 37.22 -3.79
CA GLU A 174 -0.85 37.10 -3.82
C GLU A 174 -1.53 38.18 -4.61
N LYS A 175 -0.94 39.36 -4.67
CA LYS A 175 -1.55 40.45 -5.42
C LYS A 175 -1.69 40.13 -6.90
N ASP A 176 -0.96 39.13 -7.38
CA ASP A 176 -1.04 38.78 -8.79
C ASP A 176 -1.92 37.58 -9.10
N LEU A 177 -2.60 37.06 -8.08
CA LEU A 177 -3.48 35.92 -8.29
C LEU A 177 -4.59 36.29 -9.27
N VAL A 178 -5.81 35.89 -8.96
CA VAL A 178 -6.93 36.18 -9.82
C VAL A 178 -7.93 36.84 -8.91
N GLN A 179 -7.86 36.44 -7.65
CA GLN A 179 -8.71 36.98 -6.59
C GLN A 179 -7.77 36.83 -5.41
N PRO A 180 -7.13 37.91 -4.98
CA PRO A 180 -6.20 37.81 -3.85
C PRO A 180 -6.72 37.04 -2.66
N ILE A 181 -5.80 36.52 -1.87
CA ILE A 181 -6.13 35.75 -0.67
C ILE A 181 -4.90 35.61 0.21
N ASN A 182 -5.09 35.58 1.52
CA ASN A 182 -3.95 35.44 2.41
C ASN A 182 -3.53 33.99 2.36
N PRO A 183 -2.47 33.67 1.59
CA PRO A 183 -1.93 32.32 1.43
C PRO A 183 -1.70 31.52 2.70
N ARG A 184 -1.30 32.20 3.78
CA ARG A 184 -1.06 31.51 5.04
C ARG A 184 -2.15 30.53 5.47
N LEU A 185 -1.83 29.24 5.42
CA LEU A 185 -2.78 28.18 5.78
C LEU A 185 -2.23 27.22 6.82
N ASP A 186 -2.87 27.18 7.98
CA ASP A 186 -2.46 26.30 9.08
C ASP A 186 -3.22 25.00 9.01
N GLY A 187 -2.73 24.14 8.13
CA GLY A 187 -3.35 22.85 7.93
C GLY A 187 -2.30 21.78 7.81
N CYS A 188 -2.74 20.56 8.02
CA CYS A 188 -1.83 19.45 7.95
C CYS A 188 -2.11 18.63 6.69
N MET A 189 -1.08 17.93 6.23
CA MET A 189 -1.21 17.13 5.04
C MET A 189 -0.47 15.81 5.27
N ARG A 190 -0.96 14.74 4.62
CA ARG A 190 -0.35 13.41 4.72
C ARG A 190 -0.92 12.52 3.62
N SER A 191 -0.29 11.36 3.43
CA SER A 191 -0.73 10.41 2.41
C SER A 191 -0.76 11.11 1.08
N TRP A 192 0.27 11.87 0.78
CA TRP A 192 0.27 12.59 -0.48
C TRP A 192 0.79 11.75 -1.61
N ASN A 193 0.54 12.22 -2.83
CA ASN A 193 0.95 11.54 -4.03
C ASN A 193 0.96 12.57 -5.14
N TRP A 194 2.14 13.02 -5.55
CA TRP A 194 2.21 14.03 -6.61
C TRP A 194 2.50 13.38 -7.95
N LEU A 195 1.51 13.43 -8.83
CA LEU A 195 1.59 12.85 -10.18
C LEU A 195 1.94 11.36 -10.19
N ASN A 196 1.42 10.62 -9.21
CA ASN A 196 1.67 9.19 -9.09
C ASN A 196 3.14 8.80 -8.80
N GLY A 197 3.34 8.35 -7.56
CA GLY A 197 4.65 7.94 -7.11
C GLY A 197 4.65 8.09 -5.60
N GLU A 198 5.32 7.17 -4.91
CA GLU A 198 5.40 7.22 -3.45
C GLU A 198 6.78 7.74 -3.07
N ASP A 199 7.60 7.93 -4.10
CA ASP A 199 8.97 8.42 -4.02
C ASP A 199 9.26 9.19 -2.73
N THR A 200 9.32 8.43 -1.64
CA THR A 200 9.56 8.92 -0.31
C THR A 200 10.80 9.81 -0.25
N THR A 201 10.60 11.09 -0.57
CA THR A 201 11.69 12.05 -0.56
C THR A 201 11.32 13.14 0.42
N ILE A 202 10.04 13.48 0.45
CA ILE A 202 9.54 14.48 1.35
C ILE A 202 9.45 13.84 2.72
N GLN A 203 8.71 12.74 2.76
CA GLN A 203 8.48 11.96 3.98
C GLN A 203 9.77 11.74 4.74
N GLU A 204 10.91 11.80 4.03
CA GLU A 204 12.20 11.58 4.66
C GLU A 204 12.70 12.77 5.48
N THR A 205 12.77 13.93 4.85
CA THR A 205 13.26 15.14 5.53
C THR A 205 12.30 15.59 6.64
N VAL A 206 11.01 15.37 6.42
CA VAL A 206 10.00 15.74 7.39
C VAL A 206 10.18 14.91 8.67
N LYS A 207 10.88 13.79 8.55
CA LYS A 207 11.12 12.90 9.70
C LYS A 207 12.20 13.52 10.57
N VAL A 208 13.22 14.05 9.90
CA VAL A 208 14.36 14.67 10.55
C VAL A 208 14.05 16.06 11.09
N ASN A 209 13.05 16.73 10.52
CA ASN A 209 12.71 18.08 10.96
C ASN A 209 11.35 18.20 11.63
N THR A 210 11.30 17.90 12.92
CA THR A 210 10.06 17.98 13.68
C THR A 210 9.25 19.22 13.36
N ARG A 211 9.95 20.32 13.14
CA ARG A 211 9.34 21.60 12.82
C ARG A 211 8.39 21.55 11.61
N MET A 212 8.48 20.48 10.83
CA MET A 212 7.66 20.29 9.62
C MET A 212 6.49 19.34 9.80
N GLN A 213 6.42 18.69 10.95
CA GLN A 213 5.35 17.74 11.26
C GLN A 213 4.26 18.49 11.99
N CYS A 214 3.05 17.95 12.04
CA CYS A 214 2.00 18.66 12.77
C CYS A 214 1.69 18.03 14.09
N PHE A 215 0.73 18.64 14.77
CA PHE A 215 0.28 18.15 16.05
C PHE A 215 -0.55 16.91 15.72
N SER A 216 -0.35 15.85 16.48
CA SER A 216 -1.10 14.63 16.22
C SER A 216 -2.58 14.88 16.38
N VAL A 217 -2.96 15.58 17.44
CA VAL A 217 -4.36 15.89 17.65
C VAL A 217 -4.48 17.40 17.73
N THR A 218 -5.48 17.95 17.07
CA THR A 218 -5.64 19.40 17.06
C THR A 218 -7.02 19.86 17.49
N GLU A 219 -7.03 20.73 18.50
CA GLU A 219 -8.25 21.32 19.02
C GLU A 219 -8.26 22.74 18.46
N ARG A 220 -9.39 23.43 18.60
CA ARG A 220 -9.50 24.80 18.10
C ARG A 220 -8.75 25.86 18.91
N GLY A 221 -8.51 27.02 18.29
CA GLY A 221 -7.80 28.11 18.95
C GLY A 221 -6.42 28.36 18.38
N SER A 222 -5.65 29.26 19.00
CA SER A 222 -4.31 29.58 18.54
C SER A 222 -3.37 29.22 19.68
N PHE A 223 -2.29 28.52 19.38
CA PHE A 223 -1.37 28.11 20.45
C PHE A 223 -0.03 28.83 20.51
N TYR A 224 0.30 29.33 21.70
CA TYR A 224 1.56 30.01 21.92
C TYR A 224 2.40 29.09 22.76
N PRO A 225 3.57 28.70 22.25
CA PRO A 225 4.48 27.82 22.97
C PRO A 225 5.37 28.56 23.96
N GLY A 226 5.21 29.88 24.05
CA GLY A 226 5.99 30.71 24.95
C GLY A 226 7.44 30.92 24.53
N SER A 227 7.63 31.47 23.34
CA SER A 227 8.98 31.69 22.82
C SER A 227 9.05 32.88 21.90
N GLY A 228 7.88 33.45 21.60
CA GLY A 228 7.82 34.59 20.72
C GLY A 228 6.47 35.29 20.87
N PHE A 229 6.16 36.18 19.93
CA PHE A 229 4.93 36.95 19.99
C PHE A 229 4.46 37.30 18.58
N ALA A 230 3.39 38.07 18.49
CA ALA A 230 2.89 38.51 17.21
C ALA A 230 2.42 39.91 17.48
N PHE A 231 2.41 40.77 16.48
CA PHE A 231 1.95 42.14 16.69
C PHE A 231 1.30 42.76 15.47
N TYR A 232 0.41 43.71 15.70
CA TYR A 232 -0.28 44.38 14.61
C TYR A 232 -0.16 45.90 14.76
N SER A 233 -0.59 46.61 13.72
CA SER A 233 -0.60 48.07 13.74
C SER A 233 -2.08 48.41 13.75
N LEU A 234 -2.65 48.47 14.94
CA LEU A 234 -4.06 48.79 15.08
C LEU A 234 -4.24 50.20 15.61
N ASP A 235 -5.29 50.87 15.14
CA ASP A 235 -5.61 52.23 15.55
C ASP A 235 -6.62 52.18 16.69
N TYR A 236 -6.46 53.05 17.69
CA TYR A 236 -7.40 53.05 18.78
C TYR A 236 -8.20 54.35 18.90
N MET A 237 -8.03 55.22 17.91
CA MET A 237 -8.74 56.50 17.86
C MET A 237 -9.95 56.41 16.94
N THR A 248 -12.31 60.32 20.21
CA THR A 248 -12.02 59.71 21.51
C THR A 248 -11.09 58.49 21.34
N TRP A 249 -11.18 57.53 22.25
CA TRP A 249 -10.34 56.34 22.17
C TRP A 249 -10.91 55.16 22.97
N GLU A 250 -10.87 53.98 22.35
CA GLU A 250 -11.35 52.76 22.98
C GLU A 250 -10.25 51.71 23.04
N VAL A 251 -10.47 50.71 23.86
CA VAL A 251 -9.53 49.61 24.02
C VAL A 251 -10.27 48.45 24.68
N GLU A 252 -10.90 47.62 23.85
CA GLU A 252 -11.61 46.46 24.36
C GLU A 252 -10.89 45.19 23.92
N VAL A 253 -10.48 44.40 24.89
CA VAL A 253 -9.79 43.16 24.65
C VAL A 253 -10.57 42.03 25.32
N VAL A 254 -10.74 40.93 24.60
CA VAL A 254 -11.44 39.77 25.14
C VAL A 254 -10.52 38.59 24.84
N ALA A 255 -9.95 38.00 25.88
CA ALA A 255 -9.01 36.93 25.66
C ALA A 255 -9.38 35.56 26.21
N HIS A 256 -10.00 34.71 25.38
CA HIS A 256 -10.32 33.36 25.82
C HIS A 256 -8.96 32.68 25.96
N ILE A 257 -8.62 32.19 27.15
CA ILE A 257 -7.32 31.56 27.32
C ILE A 257 -7.32 30.21 28.04
N ARG A 258 -6.20 29.52 27.97
CA ARG A 258 -6.02 28.23 28.61
C ARG A 258 -4.54 28.11 28.89
N PRO A 259 -4.05 28.87 29.88
CA PRO A 259 -2.65 28.94 30.33
C PRO A 259 -1.94 27.61 30.47
N ALA A 260 -0.62 27.67 30.56
CA ALA A 260 0.20 26.50 30.72
C ALA A 260 1.40 26.94 31.54
N ALA A 261 1.33 28.19 31.99
CA ALA A 261 2.36 28.82 32.81
C ALA A 261 1.66 29.85 33.70
N ASP A 262 2.16 30.06 34.91
CA ASP A 262 1.54 31.01 35.84
C ASP A 262 1.72 32.48 35.46
N THR A 263 2.74 32.77 34.67
CA THR A 263 3.02 34.15 34.26
C THR A 263 3.16 34.31 32.75
N GLY A 264 2.80 35.48 32.23
CA GLY A 264 2.92 35.71 30.80
C GLY A 264 2.00 36.78 30.25
N VAL A 265 2.51 37.56 29.30
CA VAL A 265 1.76 38.65 28.70
C VAL A 265 0.67 38.20 27.73
N LEU A 266 -0.58 38.48 28.05
CA LEU A 266 -1.66 38.10 27.15
C LEU A 266 -1.69 39.12 26.03
N PHE A 267 -2.24 40.30 26.35
CA PHE A 267 -2.35 41.40 25.41
C PHE A 267 -1.39 42.52 25.83
N ALA A 268 -1.10 43.45 24.92
CA ALA A 268 -0.20 44.57 25.23
C ALA A 268 -0.05 45.59 24.11
N LEU A 269 0.24 46.83 24.48
CA LEU A 269 0.44 47.89 23.51
C LEU A 269 1.89 48.31 23.68
N TRP A 270 2.54 48.68 22.58
CA TRP A 270 3.94 49.07 22.68
C TRP A 270 4.24 50.31 21.87
N ALA A 271 5.01 51.21 22.47
CA ALA A 271 5.40 52.44 21.81
C ALA A 271 6.87 52.23 21.52
N PRO A 272 7.20 52.03 20.24
CA PRO A 272 8.53 51.78 19.69
C PRO A 272 9.62 52.78 20.07
N ASP A 273 9.40 54.04 19.71
CA ASP A 273 10.36 55.12 19.95
C ASP A 273 10.91 55.20 21.36
N LEU A 274 10.01 55.12 22.35
CA LEU A 274 10.41 55.20 23.76
C LEU A 274 10.39 53.85 24.46
N ARG A 275 10.20 52.78 23.70
CA ARG A 275 10.15 51.43 24.24
C ARG A 275 9.25 51.42 25.48
N ALA A 276 8.06 51.97 25.34
CA ALA A 276 7.15 52.01 26.47
C ALA A 276 6.02 51.02 26.28
N VAL A 277 5.44 50.58 27.40
CA VAL A 277 4.35 49.61 27.36
C VAL A 277 3.05 50.26 27.83
N PRO A 278 2.53 51.22 27.04
CA PRO A 278 1.30 51.93 27.36
C PRO A 278 0.26 51.09 28.10
N LEU A 279 -0.20 50.02 27.49
CA LEU A 279 -1.21 49.18 28.13
C LEU A 279 -0.77 47.71 28.12
N SER A 280 -1.29 46.89 29.05
CA SER A 280 -0.90 45.48 29.08
C SER A 280 -1.69 44.63 30.06
N VAL A 281 -2.07 43.43 29.62
CA VAL A 281 -2.81 42.48 30.45
C VAL A 281 -1.90 41.27 30.57
N ALA A 282 -1.81 40.67 31.75
CA ALA A 282 -0.93 39.52 31.90
C ALA A 282 -1.27 38.62 33.07
N LEU A 283 -0.45 37.59 33.26
CA LEU A 283 -0.64 36.64 34.36
C LEU A 283 0.59 36.67 35.27
N VAL A 284 0.35 36.59 36.59
CA VAL A 284 1.43 36.58 37.59
C VAL A 284 1.00 35.90 38.87
N ASP A 285 1.95 35.74 39.78
CA ASP A 285 1.70 35.11 41.08
C ASP A 285 2.44 35.85 42.21
N LYS A 294 -1.68 35.19 45.46
CA LYS A 294 -0.90 34.66 44.34
C LYS A 294 -1.80 34.17 43.20
N GLN A 295 -1.20 33.96 42.03
CA GLN A 295 -1.92 33.49 40.84
C GLN A 295 -3.07 34.42 40.45
N LEU A 296 -2.78 35.38 39.57
CA LEU A 296 -3.82 36.32 39.13
C LEU A 296 -3.47 37.13 37.88
N VAL A 297 -4.53 37.68 37.27
CA VAL A 297 -4.44 38.51 36.07
C VAL A 297 -4.08 39.91 36.55
N VAL A 298 -3.68 40.80 35.64
CA VAL A 298 -3.32 42.15 36.04
C VAL A 298 -3.32 43.16 34.89
N LEU A 299 -4.28 44.09 34.93
CA LEU A 299 -4.36 45.15 33.91
C LEU A 299 -3.33 46.16 34.37
N ALA A 300 -2.77 46.96 33.47
CA ALA A 300 -1.77 47.93 33.88
C ALA A 300 -1.44 48.95 32.80
N VAL A 301 -0.94 50.11 33.21
CA VAL A 301 -0.51 51.14 32.28
C VAL A 301 0.93 51.39 32.66
N GLU A 302 1.83 51.27 31.68
CA GLU A 302 3.26 51.40 31.92
C GLU A 302 3.62 50.61 33.18
N HIS A 303 4.58 51.10 33.97
CA HIS A 303 5.01 50.39 35.17
C HIS A 303 4.00 50.22 36.29
N THR A 304 2.83 50.85 36.20
CA THR A 304 1.84 50.73 37.29
C THR A 304 0.59 49.90 37.03
N ALA A 305 0.23 49.08 38.01
CA ALA A 305 -0.97 48.25 37.91
C ALA A 305 -2.17 49.17 37.79
N LEU A 306 -3.36 48.59 37.82
CA LEU A 306 -4.59 49.37 37.71
C LEU A 306 -5.73 48.53 38.19
N ALA A 307 -5.47 47.23 38.37
CA ALA A 307 -6.50 46.29 38.82
C ALA A 307 -5.96 44.89 38.76
N LEU A 308 -6.45 44.04 39.64
CA LEU A 308 -6.02 42.66 39.65
C LEU A 308 -7.24 41.76 39.66
N MET A 309 -7.02 40.46 39.76
CA MET A 309 -8.10 39.48 39.78
C MET A 309 -7.48 38.10 39.83
N GLU A 310 -7.88 37.30 40.80
CA GLU A 310 -7.34 35.95 40.93
C GLU A 310 -7.92 34.98 39.90
N ILE A 311 -7.08 34.05 39.46
CA ILE A 311 -7.48 33.03 38.49
C ILE A 311 -6.71 31.74 38.75
N LYS A 312 -7.37 30.62 38.53
CA LYS A 312 -6.73 29.31 38.74
C LYS A 312 -6.15 28.85 37.41
N VAL A 313 -5.09 29.51 36.98
CA VAL A 313 -4.43 29.20 35.72
C VAL A 313 -4.08 27.74 35.52
N CYS A 314 -3.80 27.02 36.61
CA CYS A 314 -3.40 25.62 36.50
C CYS A 314 -4.51 24.59 36.73
N ASP A 315 -5.53 24.65 35.88
CA ASP A 315 -6.65 23.72 35.94
C ASP A 315 -7.09 23.45 34.50
N GLY A 316 -6.22 23.83 33.57
CA GLY A 316 -6.45 23.64 32.15
C GLY A 316 -7.85 23.91 31.68
N GLN A 317 -8.47 24.96 32.20
CA GLN A 317 -9.83 25.29 31.79
C GLN A 317 -9.84 26.64 31.06
N GLU A 318 -10.80 26.79 30.16
CA GLU A 318 -10.90 28.02 29.40
C GLU A 318 -11.46 29.16 30.25
N HIS A 319 -10.66 30.21 30.38
CA HIS A 319 -11.04 31.40 31.13
C HIS A 319 -11.28 32.52 30.14
N VAL A 320 -12.10 33.49 30.50
CA VAL A 320 -12.37 34.57 29.58
C VAL A 320 -12.00 35.95 30.11
N VAL A 321 -10.71 36.24 30.11
CA VAL A 321 -10.20 37.52 30.57
C VAL A 321 -10.69 38.62 29.63
N THR A 322 -11.25 39.69 30.18
CA THR A 322 -11.75 40.79 29.36
C THR A 322 -11.47 42.16 29.98
N VAL A 323 -10.84 43.05 29.20
CA VAL A 323 -10.47 44.38 29.62
C VAL A 323 -11.14 45.46 28.79
N SER A 324 -11.69 46.48 29.44
CA SER A 324 -12.37 47.58 28.74
C SER A 324 -11.84 48.93 29.23
N LEU A 325 -11.26 49.74 28.34
CA LEU A 325 -10.71 51.03 28.73
C LEU A 325 -11.08 52.19 27.82
N ARG A 326 -11.15 53.39 28.42
CA ARG A 326 -11.47 54.66 27.77
C ARG A 326 -11.47 55.70 28.88
N ASP A 327 -11.28 56.98 28.56
CA ASP A 327 -11.22 58.00 29.62
C ASP A 327 -12.40 57.94 30.58
N GLY A 328 -12.08 57.73 31.85
CA GLY A 328 -13.11 57.63 32.87
C GLY A 328 -13.27 56.22 33.41
N GLU A 329 -13.33 55.25 32.50
CA GLU A 329 -13.48 53.86 32.89
C GLU A 329 -12.21 53.05 32.63
N ALA A 330 -12.00 52.03 33.45
CA ALA A 330 -10.84 51.15 33.34
C ALA A 330 -11.13 49.93 34.19
N THR A 331 -11.93 49.01 33.63
CA THR A 331 -12.33 47.79 34.32
C THR A 331 -11.74 46.51 33.73
N LEU A 332 -11.55 45.52 34.60
CA LEU A 332 -11.00 44.23 34.23
C LEU A 332 -11.89 43.11 34.75
N GLU A 333 -12.41 42.28 33.85
CA GLU A 333 -13.29 41.18 34.25
C GLU A 333 -12.69 39.81 33.90
N VAL A 334 -12.99 38.82 34.74
CA VAL A 334 -12.53 37.45 34.54
C VAL A 334 -13.70 36.50 34.71
N ASP A 335 -14.33 36.15 33.60
CA ASP A 335 -15.49 35.26 33.62
C ASP A 335 -16.69 36.03 34.18
N GLY A 336 -16.72 37.34 33.91
CA GLY A 336 -17.81 38.19 34.39
C GLY A 336 -17.73 38.52 35.88
N THR A 337 -16.52 38.79 36.36
CA THR A 337 -16.31 39.11 37.77
C THR A 337 -15.15 40.10 37.95
N ARG A 338 -15.49 41.39 38.03
CA ARG A 338 -14.49 42.43 38.19
C ARG A 338 -13.60 42.25 39.40
N GLY A 339 -12.47 42.98 39.41
CA GLY A 339 -11.54 42.92 40.51
C GLY A 339 -11.36 44.32 41.08
N GLN A 340 -10.84 44.42 42.30
CA GLN A 340 -10.65 45.74 42.92
C GLN A 340 -9.39 46.40 42.36
N SER A 341 -9.52 47.65 41.92
CA SER A 341 -8.40 48.39 41.37
C SER A 341 -7.28 48.59 42.38
N GLU A 342 -6.20 49.21 41.92
CA GLU A 342 -5.04 49.50 42.76
C GLU A 342 -4.84 51.00 42.75
N VAL A 343 -5.68 51.69 41.98
CA VAL A 343 -5.62 53.12 41.86
C VAL A 343 -6.53 53.85 42.83
N SER A 344 -7.15 54.93 42.35
CA SER A 344 -8.02 55.74 43.18
C SER A 344 -8.85 56.74 42.39
N ALA A 345 -9.00 56.50 41.09
CA ALA A 345 -9.75 57.40 40.22
C ALA A 345 -9.02 58.73 40.16
N ALA A 346 -8.07 58.91 41.07
CA ALA A 346 -7.25 60.11 41.13
C ALA A 346 -5.94 59.74 40.47
N GLN A 347 -5.43 58.55 40.83
CA GLN A 347 -4.19 58.03 40.26
C GLN A 347 -4.59 57.45 38.92
N LEU A 348 -5.75 56.79 38.91
CA LEU A 348 -6.30 56.18 37.70
C LEU A 348 -6.42 57.19 36.57
N GLN A 349 -6.44 58.47 36.92
CA GLN A 349 -6.55 59.50 35.90
C GLN A 349 -5.17 59.97 35.46
N GLU A 350 -4.19 59.93 36.38
CA GLU A 350 -2.84 60.34 36.04
C GLU A 350 -2.19 59.13 35.33
N ARG A 351 -3.04 58.32 34.71
CA ARG A 351 -2.64 57.13 33.97
C ARG A 351 -3.37 57.16 32.62
N LEU A 352 -4.69 57.03 32.66
CA LEU A 352 -5.50 57.05 31.44
C LEU A 352 -5.19 58.31 30.65
N ALA A 353 -4.60 59.28 31.32
CA ALA A 353 -4.25 60.53 30.68
C ALA A 353 -2.98 60.32 29.88
N VAL A 354 -2.10 59.49 30.42
CA VAL A 354 -0.84 59.17 29.79
C VAL A 354 -1.18 58.25 28.63
N LEU A 355 -1.96 57.21 28.92
CA LEU A 355 -2.38 56.26 27.92
C LEU A 355 -2.94 56.94 26.68
N GLU A 356 -4.02 57.70 26.84
CA GLU A 356 -4.65 58.37 25.69
C GLU A 356 -3.72 59.32 24.96
N ARG A 357 -2.57 59.60 25.57
CA ARG A 357 -1.60 60.48 24.94
C ARG A 357 -0.68 59.62 24.12
N HIS A 358 -0.52 58.37 24.57
CA HIS A 358 0.31 57.40 23.87
C HIS A 358 -0.39 57.01 22.57
N LEU A 359 -1.70 56.83 22.67
CA LEU A 359 -2.53 56.46 21.52
C LEU A 359 -2.58 57.57 20.48
N ARG A 360 -2.11 58.77 20.82
CA ARG A 360 -2.12 59.88 19.88
C ARG A 360 -0.99 59.68 18.87
N SER A 361 -0.29 58.57 19.02
CA SER A 361 0.83 58.23 18.15
C SER A 361 0.77 56.74 17.76
N PRO A 362 1.66 56.32 16.84
CA PRO A 362 1.71 54.92 16.38
C PRO A 362 1.86 53.97 17.57
N VAL A 363 1.13 52.87 17.54
CA VAL A 363 1.21 51.89 18.63
C VAL A 363 1.07 50.46 18.11
N LEU A 364 2.06 49.64 18.40
CA LEU A 364 2.03 48.25 17.99
C LEU A 364 1.27 47.45 19.02
N THR A 365 0.42 46.55 18.55
CA THR A 365 -0.37 45.71 19.44
C THR A 365 0.25 44.33 19.49
N PHE A 366 0.77 43.94 20.65
CA PHE A 366 1.40 42.64 20.80
C PHE A 366 0.51 41.59 21.44
N ALA A 367 0.68 40.35 21.01
CA ALA A 367 -0.07 39.24 21.53
C ALA A 367 0.94 38.21 21.97
N GLY A 368 0.81 37.76 23.21
CA GLY A 368 1.71 36.74 23.73
C GLY A 368 3.05 37.16 24.30
N GLY A 369 3.56 38.34 23.94
CA GLY A 369 4.85 38.77 24.48
C GLY A 369 5.23 40.20 24.17
N LEU A 370 6.45 40.58 24.55
CA LEU A 370 6.94 41.94 24.32
C LEU A 370 8.37 41.96 23.85
N PRO A 371 8.74 42.93 23.02
CA PRO A 371 10.12 42.98 22.55
C PRO A 371 11.02 43.13 23.77
N ASP A 372 12.32 43.25 23.54
CA ASP A 372 13.27 43.35 24.65
C ASP A 372 13.17 44.67 25.42
N VAL A 373 12.40 44.68 26.50
CA VAL A 373 12.25 45.88 27.32
C VAL A 373 12.82 45.62 28.71
N PRO A 374 13.22 46.67 29.43
CA PRO A 374 13.77 46.51 30.78
C PRO A 374 12.69 45.92 31.67
N VAL A 375 13.08 45.00 32.53
CA VAL A 375 12.13 44.34 33.41
C VAL A 375 11.16 45.25 34.17
N THR A 376 11.58 46.49 34.42
CA THR A 376 10.76 47.45 35.13
C THR A 376 9.88 48.29 34.20
N SER A 377 9.69 47.81 32.97
CA SER A 377 8.88 48.52 32.01
C SER A 377 7.41 48.17 32.16
N ALA A 378 7.13 47.08 32.88
CA ALA A 378 5.75 46.63 33.10
C ALA A 378 5.70 45.55 34.17
N PRO A 379 4.50 45.22 34.65
CA PRO A 379 4.30 44.19 35.68
C PRO A 379 4.84 42.85 35.24
N VAL A 380 4.50 42.44 34.03
CA VAL A 380 4.95 41.17 33.47
C VAL A 380 5.58 41.39 32.09
N THR A 381 6.60 40.60 31.76
CA THR A 381 7.26 40.75 30.46
C THR A 381 7.64 39.43 29.77
N ALA A 382 7.41 38.32 30.46
CA ALA A 382 7.73 37.00 29.92
C ALA A 382 6.62 36.56 28.97
N PHE A 383 6.96 35.67 28.03
CA PHE A 383 6.00 35.18 27.06
C PHE A 383 4.94 34.24 27.63
N TYR A 384 3.74 34.35 27.08
CA TYR A 384 2.62 33.51 27.49
C TYR A 384 2.77 32.17 26.81
N ARG A 385 2.41 31.09 27.51
CA ARG A 385 2.52 29.73 26.96
C ARG A 385 1.17 29.01 27.11
N GLY A 386 0.44 28.89 26.01
CA GLY A 386 -0.85 28.22 26.06
C GLY A 386 -1.76 28.59 24.90
N CYS A 387 -3.02 28.20 25.00
CA CYS A 387 -3.98 28.48 23.95
C CYS A 387 -4.63 29.83 24.26
N MET A 388 -4.85 30.66 23.24
CA MET A 388 -5.43 31.98 23.45
C MET A 388 -6.00 32.65 22.20
N THR A 389 -7.26 33.03 22.26
CA THR A 389 -7.93 33.71 21.16
C THR A 389 -8.23 35.16 21.57
N LEU A 390 -7.79 36.12 20.76
CA LEU A 390 -8.01 37.52 21.08
C LEU A 390 -8.99 38.24 20.19
N GLU A 391 -9.86 39.03 20.84
CA GLU A 391 -10.85 39.87 20.18
C GLU A 391 -10.43 41.29 20.55
N VAL A 392 -9.92 42.06 19.60
CA VAL A 392 -9.50 43.42 19.92
C VAL A 392 -10.33 44.49 19.26
N ASN A 393 -11.25 45.06 20.04
CA ASN A 393 -12.14 46.12 19.58
C ASN A 393 -13.26 45.58 18.71
N ARG A 394 -13.94 44.56 19.22
CA ARG A 394 -15.05 43.93 18.52
C ARG A 394 -14.60 43.19 17.26
N ARG A 395 -13.30 43.24 16.98
CA ARG A 395 -12.70 42.54 15.83
C ARG A 395 -11.92 41.32 16.36
N LEU A 396 -11.90 40.26 15.57
CA LEU A 396 -11.18 39.05 15.95
C LEU A 396 -9.79 39.08 15.32
N LEU A 397 -8.76 38.82 16.13
CA LEU A 397 -7.41 38.83 15.60
C LEU A 397 -7.06 37.53 14.90
N ASP A 398 -6.70 37.63 13.63
CA ASP A 398 -6.30 36.47 12.82
C ASP A 398 -4.78 36.49 12.76
N LEU A 399 -4.12 35.56 13.43
CA LEU A 399 -2.67 35.58 13.43
C LEU A 399 -2.04 35.54 12.05
N ASP A 400 -2.79 35.16 11.03
CA ASP A 400 -2.25 35.12 9.67
C ASP A 400 -2.27 36.53 9.10
N GLU A 401 -3.10 37.39 9.69
CA GLU A 401 -3.24 38.76 9.25
C GLU A 401 -2.30 39.73 9.96
N ALA A 402 -1.62 39.24 11.00
CA ALA A 402 -0.68 40.07 11.74
C ALA A 402 0.41 40.63 10.85
N ALA A 403 1.25 41.49 11.41
CA ALA A 403 2.33 42.10 10.67
C ALA A 403 3.53 41.22 10.87
N TYR A 404 3.48 40.41 11.92
CA TYR A 404 4.55 39.50 12.22
C TYR A 404 4.16 38.52 13.30
N LYS A 405 4.15 37.24 12.96
CA LYS A 405 3.83 36.20 13.92
C LYS A 405 5.08 35.38 14.08
N HIS A 406 5.53 35.15 15.30
CA HIS A 406 6.70 34.33 15.48
C HIS A 406 6.29 33.02 14.85
N SER A 407 7.25 32.31 14.31
CA SER A 407 6.96 31.06 13.61
C SER A 407 6.45 29.87 14.40
N ASP A 408 6.85 29.72 15.65
CA ASP A 408 6.37 28.58 16.42
C ASP A 408 4.95 28.75 16.97
N ILE A 409 4.28 29.84 16.61
CA ILE A 409 2.92 30.07 17.07
C ILE A 409 1.98 29.52 16.03
N THR A 410 1.03 28.68 16.45
CA THR A 410 0.09 28.09 15.51
C THR A 410 -1.18 28.92 15.36
N ALA A 411 -1.33 29.50 14.19
CA ALA A 411 -2.47 30.35 13.87
C ALA A 411 -3.88 29.87 14.22
N HIS A 412 -4.22 28.63 13.85
CA HIS A 412 -5.56 28.13 14.14
C HIS A 412 -5.62 26.71 14.68
N SER A 413 -4.72 26.36 15.58
CA SER A 413 -4.73 25.01 16.11
C SER A 413 -3.95 24.89 17.41
N CYS A 414 -4.59 24.36 18.44
CA CYS A 414 -3.93 24.17 19.74
C CYS A 414 -3.85 22.70 20.06
N PRO A 415 -2.73 22.27 20.66
CA PRO A 415 -2.60 20.86 21.02
C PRO A 415 -3.50 20.64 22.22
N PRO A 416 -3.91 19.39 22.48
CA PRO A 416 -4.79 19.12 23.62
C PRO A 416 -4.07 19.09 24.96
N VAL A 417 -4.84 19.25 26.03
CA VAL A 417 -4.28 19.23 27.37
C VAL A 417 -4.08 17.79 27.80
N GLU A 418 -2.83 17.36 27.84
CA GLU A 418 -2.50 15.99 28.23
C GLU A 418 -3.03 15.68 29.63
N PRO A 419 -4.13 14.90 29.71
CA PRO A 419 -4.69 14.57 31.02
C PRO A 419 -3.76 13.65 31.82
N ALA A 420 -3.41 14.11 33.03
CA ALA A 420 -2.51 13.36 33.91
C ALA A 420 -3.26 12.82 35.12
N ALA A 421 -2.60 12.18 35.97
N ASP B 23 -2.00 -37.72 33.12
CA ASP B 23 -1.87 -36.73 32.00
C ASP B 23 -0.42 -36.33 31.77
N ILE B 24 0.04 -36.43 30.52
CA ILE B 24 1.40 -36.04 30.17
C ILE B 24 1.34 -34.59 29.65
N LEU B 25 2.35 -33.79 29.98
CA LEU B 25 2.36 -32.40 29.55
C LEU B 25 3.65 -32.04 28.81
N PRO B 26 3.60 -31.01 27.97
CA PRO B 26 4.76 -30.55 27.19
C PRO B 26 5.87 -29.98 28.07
N CYS B 27 6.94 -30.75 28.25
CA CYS B 27 8.04 -30.29 29.07
C CYS B 27 8.93 -29.31 28.31
N VAL B 28 8.71 -29.22 27.00
CA VAL B 28 9.47 -28.31 26.15
C VAL B 28 8.54 -27.81 25.06
N PRO B 29 7.80 -26.71 25.32
CA PRO B 29 6.86 -26.15 24.35
C PRO B 29 7.56 -25.42 23.21
N PHE B 30 6.87 -25.35 22.06
CA PHE B 30 7.39 -24.68 20.87
C PHE B 30 6.60 -23.41 20.61
N SER B 31 7.15 -22.53 19.78
CA SER B 31 6.48 -21.28 19.44
C SER B 31 5.35 -21.53 18.44
N VAL B 32 4.22 -22.00 18.96
CA VAL B 32 3.05 -22.28 18.15
C VAL B 32 2.38 -20.94 17.81
N ALA B 33 3.13 -20.07 17.16
CA ALA B 33 2.61 -18.76 16.78
C ALA B 33 2.32 -18.75 15.30
N LYS B 34 1.05 -18.61 14.95
CA LYS B 34 0.65 -18.58 13.56
C LYS B 34 0.87 -17.19 12.98
N SER B 35 0.35 -16.94 11.78
CA SER B 35 0.52 -15.65 11.11
C SER B 35 -0.74 -15.33 10.30
N VAL B 36 -1.71 -14.71 10.96
CA VAL B 36 -3.00 -14.35 10.36
C VAL B 36 -3.02 -13.74 8.97
N LYS B 37 -1.88 -13.24 8.52
CA LYS B 37 -1.81 -12.61 7.21
C LYS B 37 -1.32 -13.58 6.13
N SER B 38 -1.00 -14.80 6.53
CA SER B 38 -0.49 -15.80 5.60
C SER B 38 -1.51 -16.81 5.09
N LEU B 39 -1.02 -17.77 4.31
CA LEU B 39 -1.82 -18.83 3.74
C LEU B 39 -1.03 -20.13 3.65
N TYR B 40 -1.53 -21.18 4.29
CA TYR B 40 -0.86 -22.47 4.27
C TYR B 40 -1.31 -23.31 3.08
N LEU B 41 -0.37 -23.63 2.23
CA LEU B 41 -0.66 -24.43 1.04
C LEU B 41 -0.70 -25.94 1.33
N GLY B 42 -0.11 -26.37 2.44
CA GLY B 42 -0.12 -27.79 2.75
C GLY B 42 -1.24 -28.23 3.68
N ARG B 43 -2.21 -27.36 3.93
CA ARG B 43 -3.28 -27.71 4.85
C ARG B 43 -3.94 -29.06 4.63
N MET B 44 -4.18 -29.42 3.37
CA MET B 44 -4.84 -30.68 3.12
C MET B 44 -4.01 -31.77 2.46
N PHE B 45 -3.92 -32.91 3.14
CA PHE B 45 -3.13 -34.03 2.65
C PHE B 45 -3.70 -34.62 1.39
N SER B 46 -4.99 -34.40 1.16
CA SER B 46 -5.67 -34.93 -0.02
C SER B 46 -5.31 -34.25 -1.31
N GLY B 47 -4.36 -33.31 -1.24
CA GLY B 47 -3.91 -32.59 -2.43
C GLY B 47 -4.96 -31.72 -3.13
N THR B 48 -6.06 -31.45 -2.43
CA THR B 48 -7.12 -30.61 -2.98
C THR B 48 -6.58 -29.21 -2.88
N PRO B 49 -6.90 -28.35 -3.84
CA PRO B 49 -6.41 -26.98 -3.79
C PRO B 49 -7.00 -26.32 -2.56
N VAL B 50 -6.21 -25.50 -1.89
CA VAL B 50 -6.66 -24.80 -0.69
C VAL B 50 -7.55 -23.63 -1.05
N ILE B 51 -7.55 -23.27 -2.33
CA ILE B 51 -8.35 -22.16 -2.83
C ILE B 51 -8.60 -22.34 -4.31
N ARG B 52 -9.81 -22.06 -4.73
CA ARG B 52 -10.17 -22.17 -6.13
C ARG B 52 -10.87 -20.90 -6.58
N LEU B 53 -10.34 -20.28 -7.63
CA LEU B 53 -10.94 -19.07 -8.16
C LEU B 53 -11.50 -19.40 -9.51
N ARG B 54 -12.59 -18.73 -9.85
CA ARG B 54 -13.22 -18.91 -11.14
C ARG B 54 -13.50 -17.53 -11.71
N PHE B 55 -12.82 -17.17 -12.80
CA PHE B 55 -13.00 -15.86 -13.39
C PHE B 55 -13.87 -15.83 -14.61
N LYS B 56 -14.86 -14.94 -14.59
CA LYS B 56 -15.75 -14.69 -15.71
C LYS B 56 -15.51 -13.20 -15.97
N ARG B 57 -15.06 -12.90 -17.18
CA ARG B 57 -14.73 -11.54 -17.57
C ARG B 57 -15.36 -11.20 -18.91
N LEU B 58 -15.76 -9.95 -19.06
CA LEU B 58 -16.43 -9.46 -20.26
C LEU B 58 -15.55 -9.33 -21.48
N GLN B 59 -14.32 -8.90 -21.26
CA GLN B 59 -13.35 -8.71 -22.34
C GLN B 59 -12.07 -9.51 -22.15
N PRO B 60 -11.29 -9.68 -23.22
CA PRO B 60 -10.04 -10.43 -23.17
C PRO B 60 -9.28 -10.03 -21.93
N THR B 61 -8.61 -10.99 -21.30
CA THR B 61 -7.90 -10.69 -20.05
C THR B 61 -6.55 -11.38 -19.92
N ARG B 62 -5.54 -10.59 -19.55
CA ARG B 62 -4.17 -11.10 -19.37
C ARG B 62 -4.07 -11.71 -17.97
N LEU B 63 -3.50 -12.90 -17.86
CA LEU B 63 -3.35 -13.53 -16.56
C LEU B 63 -2.16 -12.95 -15.82
N VAL B 64 -2.32 -12.67 -14.55
CA VAL B 64 -1.21 -12.14 -13.78
C VAL B 64 -1.38 -12.54 -12.32
N ALA B 65 -0.46 -13.34 -11.83
CA ALA B 65 -0.53 -13.75 -10.45
C ALA B 65 0.82 -13.41 -9.87
N GLU B 66 0.81 -12.98 -8.61
CA GLU B 66 2.02 -12.62 -7.91
C GLU B 66 1.77 -12.90 -6.45
N PHE B 67 2.81 -13.27 -5.71
CA PHE B 67 2.66 -13.56 -4.30
C PHE B 67 4.03 -13.77 -3.65
N ASP B 68 4.06 -13.66 -2.33
CA ASP B 68 5.27 -13.87 -1.58
C ASP B 68 5.14 -15.34 -1.17
N PHE B 69 6.26 -16.06 -1.22
CA PHE B 69 6.23 -17.49 -0.93
C PHE B 69 7.44 -17.96 -0.15
N ARG B 70 7.20 -18.81 0.83
CA ARG B 70 8.30 -19.33 1.65
C ARG B 70 8.18 -20.85 1.83
N THR B 71 9.27 -21.59 1.62
CA THR B 71 9.18 -23.05 1.76
C THR B 71 10.50 -23.79 1.86
N PHE B 72 10.41 -25.02 2.36
CA PHE B 72 11.55 -25.92 2.48
C PHE B 72 11.25 -27.11 1.56
N ASP B 73 9.99 -27.52 1.51
CA ASP B 73 9.54 -28.62 0.65
C ASP B 73 10.12 -28.37 -0.73
N PRO B 74 10.86 -29.34 -1.26
CA PRO B 74 11.51 -29.28 -2.57
C PRO B 74 10.59 -29.54 -3.74
N GLU B 75 9.43 -30.13 -3.46
CA GLU B 75 8.49 -30.50 -4.50
C GLU B 75 7.08 -30.14 -4.12
N GLY B 76 6.34 -29.60 -5.08
CA GLY B 76 4.97 -29.24 -4.81
C GLY B 76 4.36 -28.41 -5.91
N ILE B 77 3.08 -28.12 -5.77
CA ILE B 77 2.39 -27.30 -6.75
C ILE B 77 1.98 -25.97 -6.17
N LEU B 78 2.48 -24.90 -6.79
CA LEU B 78 2.19 -23.52 -6.38
C LEU B 78 0.79 -23.14 -6.88
N LEU B 79 0.59 -23.11 -8.20
CA LEU B 79 -0.72 -22.78 -8.71
C LEU B 79 -1.06 -23.30 -10.10
N PHE B 80 -2.35 -23.49 -10.32
CA PHE B 80 -2.86 -23.96 -11.60
C PHE B 80 -3.67 -22.83 -12.15
N ALA B 81 -3.61 -22.66 -13.46
CA ALA B 81 -4.34 -21.59 -14.11
C ALA B 81 -4.70 -22.01 -15.51
N GLY B 82 -5.97 -21.93 -15.84
CA GLY B 82 -6.37 -22.29 -17.18
C GLY B 82 -7.75 -22.86 -17.25
N GLY B 83 -7.98 -23.68 -18.27
CA GLY B 83 -9.28 -24.29 -18.45
C GLY B 83 -9.39 -25.74 -18.03
N HIS B 84 -9.89 -26.55 -18.95
CA HIS B 84 -10.08 -27.97 -18.72
C HIS B 84 -8.80 -28.75 -18.88
N GLN B 85 -8.67 -29.79 -18.05
CA GLN B 85 -7.52 -30.69 -18.04
C GLN B 85 -6.85 -30.95 -19.38
N ASP B 86 -7.63 -31.20 -20.42
CA ASP B 86 -7.04 -31.46 -21.73
C ASP B 86 -7.29 -30.36 -22.77
N SER B 87 -7.50 -29.14 -22.29
CA SER B 87 -7.72 -28.01 -23.18
C SER B 87 -6.42 -27.21 -23.25
N THR B 88 -6.32 -26.18 -22.41
CA THR B 88 -5.12 -25.36 -22.33
C THR B 88 -5.02 -24.73 -20.93
N TRP B 89 -3.89 -24.99 -20.28
CA TRP B 89 -3.62 -24.50 -18.93
C TRP B 89 -2.12 -24.43 -18.66
N ILE B 90 -1.77 -23.94 -17.47
CA ILE B 90 -0.38 -23.87 -17.05
C ILE B 90 -0.33 -24.24 -15.58
N VAL B 91 0.81 -24.78 -15.15
CA VAL B 91 0.96 -25.11 -13.74
C VAL B 91 2.34 -24.65 -13.37
N LEU B 92 2.44 -23.93 -12.25
CA LEU B 92 3.74 -23.44 -11.80
C LEU B 92 4.05 -24.26 -10.58
N ALA B 93 5.16 -24.99 -10.63
CA ALA B 93 5.48 -25.84 -9.50
C ALA B 93 6.92 -25.85 -9.03
N LEU B 94 7.09 -26.54 -7.91
CA LEU B 94 8.39 -26.68 -7.30
C LEU B 94 8.80 -28.15 -7.42
N ARG B 95 9.93 -28.38 -8.05
CA ARG B 95 10.46 -29.72 -8.22
C ARG B 95 11.97 -29.63 -8.12
N ALA B 96 12.53 -30.36 -7.17
CA ALA B 96 13.96 -30.35 -6.92
C ALA B 96 14.32 -29.03 -6.29
N GLY B 97 13.34 -28.41 -5.64
CA GLY B 97 13.58 -27.12 -5.00
C GLY B 97 13.65 -25.96 -5.97
N ARG B 98 13.36 -26.23 -7.24
CA ARG B 98 13.38 -25.19 -8.26
C ARG B 98 12.02 -25.01 -8.93
N LEU B 99 11.82 -23.89 -9.62
CA LEU B 99 10.54 -23.65 -10.27
C LEU B 99 10.34 -24.47 -11.54
N GLU B 100 9.20 -25.13 -11.65
CA GLU B 100 8.89 -25.90 -12.85
C GLU B 100 7.61 -25.34 -13.41
N LEU B 101 7.55 -25.24 -14.73
CA LEU B 101 6.37 -24.72 -15.40
C LEU B 101 5.88 -25.70 -16.45
N GLN B 102 4.66 -26.18 -16.30
CA GLN B 102 4.12 -27.10 -17.28
C GLN B 102 3.04 -26.41 -18.13
N LEU B 103 3.09 -26.63 -19.44
CA LEU B 103 2.12 -26.01 -20.34
C LEU B 103 1.40 -26.98 -21.23
N ARG B 104 0.12 -26.76 -21.41
CA ARG B 104 -0.63 -27.58 -22.34
C ARG B 104 -1.49 -26.55 -23.02
N TYR B 105 -1.26 -26.38 -24.30
CA TYR B 105 -2.03 -25.44 -25.09
C TYR B 105 -2.65 -26.30 -26.18
N ASN B 106 -3.60 -27.13 -25.74
CA ASN B 106 -4.34 -28.08 -26.58
C ASN B 106 -3.51 -29.31 -26.97
N GLY B 107 -3.49 -30.30 -26.08
CA GLY B 107 -2.75 -31.53 -26.33
C GLY B 107 -1.23 -31.45 -26.32
N VAL B 108 -0.71 -30.35 -26.84
CA VAL B 108 0.74 -30.11 -26.92
C VAL B 108 1.36 -29.89 -25.53
N GLY B 109 1.94 -30.95 -24.96
CA GLY B 109 2.55 -30.84 -23.65
C GLY B 109 3.87 -30.09 -23.71
N ARG B 110 4.38 -29.67 -22.56
CA ARG B 110 5.65 -28.94 -22.49
C ARG B 110 5.97 -28.67 -21.03
N VAL B 111 7.26 -28.65 -20.70
CA VAL B 111 7.66 -28.37 -19.32
C VAL B 111 9.04 -27.75 -19.29
N THR B 112 9.18 -26.70 -18.49
CA THR B 112 10.42 -25.97 -18.36
C THR B 112 10.81 -25.79 -16.91
N SER B 113 12.11 -25.61 -16.67
CA SER B 113 12.60 -25.43 -15.32
C SER B 113 13.87 -24.61 -15.29
N SER B 114 13.91 -23.65 -14.37
CA SER B 114 15.07 -22.80 -14.20
C SER B 114 15.00 -21.97 -12.93
N GLY B 115 15.72 -20.86 -12.93
CA GLY B 115 15.73 -19.98 -11.78
C GLY B 115 16.63 -20.45 -10.65
N PRO B 116 16.56 -19.76 -9.51
CA PRO B 116 17.37 -20.09 -8.34
C PRO B 116 16.66 -21.12 -7.49
N VAL B 117 17.26 -21.41 -6.34
CA VAL B 117 16.69 -22.33 -5.41
C VAL B 117 15.54 -21.57 -4.76
N ILE B 118 14.43 -22.25 -4.49
CA ILE B 118 13.30 -21.58 -3.88
C ILE B 118 13.07 -22.07 -2.45
N ASN B 119 13.34 -23.35 -2.23
CA ASN B 119 13.11 -23.96 -0.92
C ASN B 119 14.19 -23.69 0.11
N HIS B 120 14.62 -22.43 0.19
CA HIS B 120 15.66 -22.01 1.12
C HIS B 120 15.11 -21.50 2.44
N GLY B 121 13.80 -21.53 2.62
CA GLY B 121 13.21 -21.10 3.88
C GLY B 121 13.01 -19.61 4.05
N MET B 122 13.52 -18.82 3.11
CA MET B 122 13.36 -17.38 3.20
C MET B 122 12.23 -16.94 2.31
N TRP B 123 11.60 -15.81 2.65
CA TRP B 123 10.50 -15.30 1.83
C TRP B 123 11.01 -14.79 0.51
N GLN B 124 10.12 -14.68 -0.46
CA GLN B 124 10.50 -14.20 -1.76
C GLN B 124 9.26 -13.86 -2.57
N THR B 125 9.48 -13.37 -3.77
CA THR B 125 8.35 -13.01 -4.60
C THR B 125 8.38 -13.70 -5.93
N ILE B 126 7.28 -14.38 -6.22
CA ILE B 126 7.16 -15.13 -7.46
C ILE B 126 5.94 -14.61 -8.20
N SER B 127 6.02 -14.59 -9.53
CA SER B 127 4.89 -14.12 -10.32
C SER B 127 4.88 -14.66 -11.75
N VAL B 128 3.68 -14.99 -12.23
CA VAL B 128 3.47 -15.52 -13.57
C VAL B 128 2.62 -14.50 -14.29
N GLU B 129 2.91 -14.27 -15.56
CA GLU B 129 2.13 -13.30 -16.32
C GLU B 129 2.21 -13.53 -17.81
N GLU B 130 1.22 -13.04 -18.54
CA GLU B 130 1.18 -13.23 -19.98
C GLU B 130 1.71 -12.05 -20.80
N LEU B 131 2.76 -11.38 -20.33
CA LEU B 131 3.35 -10.27 -21.08
C LEU B 131 3.60 -10.67 -22.53
N ALA B 132 3.29 -9.79 -23.47
CA ALA B 132 3.50 -10.07 -24.91
C ALA B 132 2.83 -11.38 -25.32
N ARG B 133 3.48 -12.10 -26.23
CA ARG B 133 2.97 -13.39 -26.68
C ARG B 133 3.77 -14.51 -26.01
N ASN B 134 4.47 -14.15 -24.93
CA ASN B 134 5.25 -15.10 -24.14
C ASN B 134 4.55 -15.26 -22.80
N LEU B 135 5.21 -15.98 -21.92
CA LEU B 135 4.71 -16.24 -20.59
C LEU B 135 5.95 -15.98 -19.72
N VAL B 136 5.89 -14.99 -18.85
CA VAL B 136 7.04 -14.65 -18.05
C VAL B 136 6.96 -15.00 -16.57
N ILE B 137 8.03 -15.58 -16.04
CA ILE B 137 8.06 -15.95 -14.63
C ILE B 137 9.19 -15.20 -13.96
N LYS B 138 8.89 -14.61 -12.81
CA LYS B 138 9.86 -13.82 -12.09
C LYS B 138 9.97 -14.19 -10.62
N VAL B 139 11.19 -14.08 -10.12
CA VAL B 139 11.45 -14.34 -8.71
C VAL B 139 12.13 -13.05 -8.25
N ASN B 140 11.46 -12.36 -7.34
CA ASN B 140 11.94 -11.07 -6.81
C ASN B 140 11.98 -10.02 -7.91
N ARG B 141 10.83 -9.83 -8.55
CA ARG B 141 10.65 -8.86 -9.62
C ARG B 141 11.69 -8.99 -10.74
N ASP B 142 12.45 -10.08 -10.73
CA ASP B 142 13.45 -10.31 -11.78
C ASP B 142 13.04 -11.59 -12.53
N ALA B 143 13.09 -11.55 -13.87
CA ALA B 143 12.71 -12.70 -14.68
C ALA B 143 13.70 -13.87 -14.66
N VAL B 144 13.14 -15.07 -14.73
CA VAL B 144 13.94 -16.30 -14.72
C VAL B 144 13.54 -17.18 -15.91
N MET B 145 12.28 -17.09 -16.32
CA MET B 145 11.80 -17.88 -17.44
C MET B 145 10.89 -17.12 -18.34
N LYS B 146 11.16 -17.19 -19.63
CA LYS B 146 10.31 -16.54 -20.58
C LYS B 146 9.99 -17.64 -21.61
N ILE B 147 8.74 -18.10 -21.61
CA ILE B 147 8.36 -19.15 -22.54
C ILE B 147 7.41 -18.62 -23.57
N ALA B 148 7.61 -19.00 -24.81
CA ALA B 148 6.74 -18.54 -25.88
C ALA B 148 5.52 -19.43 -25.93
N VAL B 149 4.34 -18.82 -25.97
CA VAL B 149 3.08 -19.55 -26.06
C VAL B 149 2.32 -19.03 -27.27
N ALA B 150 1.34 -19.78 -27.75
CA ALA B 150 0.58 -19.35 -28.91
C ALA B 150 -0.91 -19.36 -28.59
N GLY B 151 -1.33 -18.41 -27.76
CA GLY B 151 -2.72 -18.34 -27.38
C GLY B 151 -2.88 -17.77 -25.99
N ASP B 152 -4.14 -17.57 -25.59
CA ASP B 152 -4.39 -16.98 -24.28
C ASP B 152 -5.00 -17.97 -23.30
N LEU B 153 -4.67 -17.82 -22.02
CA LEU B 153 -5.21 -18.72 -21.03
C LEU B 153 -6.71 -18.55 -20.87
N PHE B 154 -7.19 -17.31 -20.84
CA PHE B 154 -8.64 -17.09 -20.73
C PHE B 154 -9.31 -17.59 -22.00
N GLN B 155 -10.33 -18.43 -21.84
CA GLN B 155 -11.01 -19.00 -22.99
C GLN B 155 -12.43 -18.48 -23.17
N PRO B 156 -12.83 -18.22 -24.42
CA PRO B 156 -14.16 -17.73 -24.80
C PRO B 156 -15.20 -18.82 -24.71
N GLU B 157 -16.18 -18.62 -23.84
CA GLU B 157 -17.26 -19.56 -23.67
C GLU B 157 -18.53 -18.76 -23.39
N ARG B 158 -19.45 -18.78 -24.35
CA ARG B 158 -20.72 -18.06 -24.24
C ARG B 158 -20.59 -16.55 -24.02
N GLY B 159 -20.03 -15.87 -25.01
CA GLY B 159 -19.90 -14.42 -24.92
C GLY B 159 -19.16 -13.88 -23.70
N LEU B 160 -18.37 -14.73 -23.08
CA LEU B 160 -17.61 -14.32 -21.91
C LEU B 160 -16.30 -15.10 -21.90
N TYR B 161 -15.25 -14.52 -21.30
CA TYR B 161 -14.00 -15.23 -21.23
C TYR B 161 -13.89 -15.84 -19.85
N HIS B 162 -13.39 -17.07 -19.76
CA HIS B 162 -13.27 -17.71 -18.46
C HIS B 162 -11.86 -18.18 -18.17
N LEU B 163 -11.61 -18.45 -16.90
CA LEU B 163 -10.32 -18.94 -16.48
C LEU B 163 -10.40 -19.36 -15.04
N ASN B 164 -9.94 -20.57 -14.75
CA ASN B 164 -9.93 -21.07 -13.39
C ASN B 164 -8.53 -20.95 -12.83
N LEU B 165 -8.42 -20.82 -11.51
CA LEU B 165 -7.11 -20.70 -10.91
C LEU B 165 -7.14 -21.33 -9.53
N THR B 166 -6.32 -22.36 -9.34
CA THR B 166 -6.27 -23.05 -8.05
C THR B 166 -4.90 -22.85 -7.43
N VAL B 167 -4.89 -22.80 -6.12
CA VAL B 167 -3.67 -22.57 -5.40
C VAL B 167 -3.27 -23.78 -4.58
N GLY B 168 -1.98 -24.10 -4.60
CA GLY B 168 -1.48 -25.24 -3.85
C GLY B 168 -2.10 -26.58 -4.21
N GLY B 169 -2.34 -26.83 -5.50
CA GLY B 169 -2.93 -28.08 -5.93
C GLY B 169 -3.59 -27.91 -7.28
N ILE B 170 -4.06 -28.99 -7.90
CA ILE B 170 -4.71 -28.85 -9.19
C ILE B 170 -6.12 -29.42 -9.21
N PRO B 171 -6.91 -29.05 -10.22
CA PRO B 171 -8.29 -29.49 -10.41
C PRO B 171 -8.44 -30.95 -10.83
N PHE B 172 -7.32 -31.59 -11.21
CA PHE B 172 -7.37 -32.98 -11.64
C PHE B 172 -6.31 -33.89 -11.00
N HIS B 173 -6.12 -35.10 -11.55
CA HIS B 173 -5.15 -36.03 -10.98
C HIS B 173 -3.75 -35.88 -11.54
N GLU B 174 -2.75 -35.86 -10.65
CA GLU B 174 -1.38 -35.67 -11.09
C GLU B 174 -1.00 -36.55 -12.26
N LYS B 175 -1.61 -37.72 -12.36
CA LYS B 175 -1.29 -38.62 -13.46
C LYS B 175 -1.59 -38.00 -14.83
N ASP B 176 -2.42 -36.97 -14.86
CA ASP B 176 -2.76 -36.36 -16.14
C ASP B 176 -2.00 -35.08 -16.45
N LEU B 177 -1.01 -34.74 -15.62
CA LEU B 177 -0.23 -33.54 -15.86
C LEU B 177 0.51 -33.67 -17.16
N VAL B 178 1.78 -33.28 -17.17
CA VAL B 178 2.58 -33.36 -18.37
C VAL B 178 3.79 -34.15 -17.96
N GLN B 179 4.12 -34.03 -16.68
CA GLN B 179 5.25 -34.71 -16.07
C GLN B 179 4.72 -34.81 -14.66
N PRO B 180 4.23 -35.97 -14.26
CA PRO B 180 3.69 -36.11 -12.91
C PRO B 180 4.56 -35.56 -11.80
N ILE B 181 3.93 -35.24 -10.68
CA ILE B 181 4.63 -34.69 -9.52
C ILE B 181 3.73 -34.79 -8.30
N ASN B 182 4.31 -34.99 -7.13
CA ASN B 182 3.49 -35.06 -5.91
C ASN B 182 3.09 -33.65 -5.55
N PRO B 183 1.86 -33.23 -5.89
CA PRO B 183 1.32 -31.90 -5.62
C PRO B 183 1.47 -31.37 -4.20
N ARG B 184 1.42 -32.25 -3.21
CA ARG B 184 1.59 -31.83 -1.81
C ARG B 184 2.81 -30.90 -1.58
N LEU B 185 2.52 -29.64 -1.27
CA LEU B 185 3.55 -28.64 -1.02
C LEU B 185 3.34 -27.90 0.31
N ASP B 186 4.30 -28.07 1.22
CA ASP B 186 4.26 -27.42 2.53
C ASP B 186 4.98 -26.09 2.47
N GLY B 187 4.27 -25.11 1.95
CA GLY B 187 4.82 -23.78 1.81
C GLY B 187 3.80 -22.76 2.23
N CYS B 188 4.32 -21.58 2.55
CA CYS B 188 3.45 -20.52 2.97
C CYS B 188 3.34 -19.47 1.88
N MET B 189 2.24 -18.73 1.90
CA MET B 189 2.01 -17.72 0.90
C MET B 189 1.40 -16.51 1.59
N ARG B 190 1.69 -15.32 1.04
CA ARG B 190 1.17 -14.06 1.57
C ARG B 190 1.39 -12.95 0.55
N SER B 191 0.75 -11.81 0.78
CA SER B 191 0.87 -10.66 -0.12
C SER B 191 0.49 -11.09 -1.53
N TRP B 192 -0.61 -11.83 -1.64
CA TRP B 192 -1.00 -12.29 -2.94
C TRP B 192 -1.83 -11.28 -3.67
N ASN B 193 -1.97 -11.49 -4.96
CA ASN B 193 -2.72 -10.61 -5.84
C ASN B 193 -3.09 -11.42 -7.07
N TRP B 194 -4.35 -11.83 -7.18
CA TRP B 194 -4.76 -12.62 -8.33
C TRP B 194 -5.43 -11.74 -9.37
N LEU B 195 -4.76 -11.59 -10.51
CA LEU B 195 -5.23 -10.78 -11.64
C LEU B 195 -5.55 -9.34 -11.26
N ASN B 196 -4.75 -8.76 -10.37
CA ASN B 196 -4.92 -7.38 -9.90
C ASN B 196 -6.22 -7.11 -9.09
N GLY B 197 -6.03 -6.92 -7.80
CA GLY B 197 -7.13 -6.67 -6.89
C GLY B 197 -6.67 -7.09 -5.51
N GLU B 198 -7.08 -6.34 -4.49
CA GLU B 198 -6.71 -6.66 -3.11
C GLU B 198 -7.93 -7.31 -2.43
N ASP B 199 -9.02 -7.35 -3.20
CA ASP B 199 -10.31 -7.91 -2.79
C ASP B 199 -10.19 -8.92 -1.66
N THR B 200 -9.91 -8.38 -0.48
CA THR B 200 -9.74 -9.13 0.75
C THR B 200 -10.91 -10.07 1.01
N THR B 201 -10.85 -11.25 0.42
CA THR B 201 -11.90 -12.25 0.57
C THR B 201 -11.27 -13.49 1.16
N ILE B 202 -10.05 -13.76 0.73
CA ILE B 202 -9.30 -14.90 1.22
C ILE B 202 -8.78 -14.51 2.59
N GLN B 203 -8.06 -13.41 2.62
CA GLN B 203 -7.46 -12.87 3.83
C GLN B 203 -8.46 -12.84 4.99
N GLU B 204 -9.74 -12.83 4.66
CA GLU B 204 -10.78 -12.78 5.68
C GLU B 204 -11.01 -14.12 6.37
N THR B 205 -11.29 -15.16 5.58
CA THR B 205 -11.57 -16.48 6.12
C THR B 205 -10.33 -17.10 6.78
N VAL B 206 -9.17 -16.78 6.24
CA VAL B 206 -7.92 -17.27 6.77
C VAL B 206 -7.68 -16.71 8.17
N LYS B 207 -8.37 -15.62 8.49
CA LYS B 207 -8.22 -14.99 9.80
C LYS B 207 -8.99 -15.82 10.83
N VAL B 208 -10.19 -16.24 10.41
CA VAL B 208 -11.09 -17.01 11.25
C VAL B 208 -10.67 -18.48 11.39
N ASN B 209 -9.88 -18.97 10.42
CA ASN B 209 -9.44 -20.37 10.45
C ASN B 209 -7.94 -20.57 10.64
N THR B 210 -7.50 -20.51 11.88
CA THR B 210 -6.10 -20.67 12.23
C THR B 210 -5.43 -21.80 11.44
N ARG B 211 -6.19 -22.86 11.23
CA ARG B 211 -5.72 -24.03 10.50
C ARG B 211 -5.19 -23.72 9.09
N MET B 212 -5.50 -22.51 8.60
CA MET B 212 -5.10 -22.06 7.26
C MET B 212 -3.91 -21.11 7.24
N GLN B 213 -3.48 -20.69 8.43
CA GLN B 213 -2.35 -19.78 8.56
C GLN B 213 -1.10 -20.61 8.78
N CYS B 214 0.08 -20.04 8.55
CA CYS B 214 1.28 -20.81 8.78
C CYS B 214 1.99 -20.43 10.05
N PHE B 215 3.10 -21.11 10.28
CA PHE B 215 3.94 -20.86 11.43
C PHE B 215 4.64 -19.56 11.10
N SER B 216 4.71 -18.67 12.08
CA SER B 216 5.36 -17.39 11.85
C SER B 216 6.82 -17.60 11.49
N VAL B 217 7.50 -18.45 12.24
CA VAL B 217 8.88 -18.76 11.96
C VAL B 217 8.99 -20.24 11.69
N THR B 218 9.73 -20.61 10.66
CA THR B 218 9.86 -22.03 10.34
C THR B 218 11.31 -22.49 10.23
N GLU B 219 11.61 -23.54 11.00
CA GLU B 219 12.91 -24.15 11.01
C GLU B 219 12.74 -25.45 10.21
N ARG B 220 13.84 -26.10 9.87
CA ARG B 220 13.77 -27.35 9.10
C ARG B 220 13.28 -28.58 9.88
N GLY B 221 12.83 -29.60 9.15
CA GLY B 221 12.35 -30.82 9.78
C GLY B 221 10.85 -31.03 9.60
N SER B 222 10.30 -32.07 10.25
CA SER B 222 8.86 -32.37 10.16
C SER B 222 8.34 -32.25 11.57
N PHE B 223 7.23 -31.56 11.76
CA PHE B 223 6.68 -31.40 13.11
C PHE B 223 5.42 -32.18 13.43
N TYR B 224 5.46 -32.91 14.54
CA TYR B 224 4.31 -33.66 14.99
C TYR B 224 3.79 -32.95 16.22
N PRO B 225 2.52 -32.54 16.18
CA PRO B 225 1.88 -31.83 17.30
C PRO B 225 1.32 -32.80 18.35
N GLY B 226 1.48 -34.10 18.11
CA GLY B 226 1.00 -35.11 19.04
C GLY B 226 -0.51 -35.29 19.05
N SER B 227 -1.07 -35.65 17.90
CA SER B 227 -2.51 -35.80 17.78
C SER B 227 -2.88 -36.80 16.70
N GLY B 228 -1.88 -37.25 15.96
CA GLY B 228 -2.10 -38.21 14.89
C GLY B 228 -0.80 -38.86 14.49
N PHE B 229 -0.80 -39.56 13.36
CA PHE B 229 0.39 -40.26 12.88
C PHE B 229 0.39 -40.31 11.37
N ALA B 230 1.38 -41.01 10.81
CA ALA B 230 1.47 -41.17 9.38
C ALA B 230 1.99 -42.58 9.22
N PHE B 231 1.66 -43.24 8.13
CA PHE B 231 2.15 -44.60 7.92
C PHE B 231 2.39 -44.94 6.46
N TYR B 232 3.29 -45.89 6.22
CA TYR B 232 3.61 -46.31 4.87
C TYR B 232 3.52 -47.83 4.74
N SER B 233 3.58 -48.30 3.50
CA SER B 233 3.58 -49.74 3.22
C SER B 233 4.97 -50.02 2.72
N LEU B 234 5.89 -50.26 3.66
CA LEU B 234 7.27 -50.54 3.31
C LEU B 234 7.59 -52.03 3.47
N ASP B 235 8.42 -52.54 2.57
CA ASP B 235 8.83 -53.94 2.59
C ASP B 235 10.14 -54.06 3.38
N TYR B 236 10.28 -55.11 4.17
CA TYR B 236 11.51 -55.28 4.91
C TYR B 236 12.28 -56.54 4.54
N MET B 237 11.81 -57.22 3.50
CA MET B 237 12.44 -58.45 3.00
C MET B 237 13.32 -58.14 1.78
N THR B 248 16.48 -62.48 3.37
CA THR B 248 16.61 -62.15 4.79
C THR B 248 15.70 -60.96 5.15
N TRP B 249 16.08 -60.18 6.15
CA TRP B 249 15.28 -59.02 6.55
C TRP B 249 16.08 -58.00 7.35
N GLU B 250 15.88 -56.73 7.02
CA GLU B 250 16.55 -55.62 7.70
C GLU B 250 15.54 -54.65 8.28
N VAL B 251 16.02 -53.83 9.20
CA VAL B 251 15.20 -52.81 9.84
C VAL B 251 16.11 -51.76 10.45
N GLU B 252 16.48 -50.77 9.65
CA GLU B 252 17.32 -49.69 10.14
C GLU B 252 16.53 -48.39 10.19
N VAL B 253 16.45 -47.81 11.38
CA VAL B 253 15.73 -46.60 11.59
C VAL B 253 16.69 -45.57 12.20
N VAL B 254 16.65 -44.35 11.69
CA VAL B 254 17.52 -43.28 12.21
C VAL B 254 16.56 -42.12 12.42
N ALA B 255 16.35 -41.77 13.67
CA ALA B 255 15.40 -40.71 13.95
C ALA B 255 15.95 -39.46 14.62
N HIS B 256 16.30 -38.44 13.83
CA HIS B 256 16.77 -37.18 14.42
C HIS B 256 15.51 -36.59 15.08
N ILE B 257 15.56 -36.34 16.38
CA ILE B 257 14.39 -35.82 17.06
C ILE B 257 14.64 -34.65 18.00
N ARG B 258 13.55 -33.99 18.39
CA ARG B 258 13.60 -32.86 19.30
C ARG B 258 12.28 -32.86 20.03
N PRO B 259 12.11 -33.81 20.95
CA PRO B 259 10.91 -34.03 21.78
C PRO B 259 10.29 -32.77 22.37
N ALA B 260 9.06 -32.92 22.84
CA ALA B 260 8.35 -31.82 23.47
C ALA B 260 7.45 -32.46 24.52
N ALA B 261 7.64 -33.77 24.68
CA ALA B 261 6.90 -34.58 25.65
C ALA B 261 7.82 -35.73 26.06
N ASP B 262 7.70 -36.19 27.31
CA ASP B 262 8.57 -37.27 27.80
C ASP B 262 8.26 -38.65 27.22
N THR B 263 7.04 -38.83 26.73
CA THR B 263 6.63 -40.11 26.17
C THR B 263 6.04 -39.99 24.77
N GLY B 264 6.19 -41.03 23.96
CA GLY B 264 5.64 -40.99 22.62
C GLY B 264 6.34 -41.90 21.63
N VAL B 265 5.54 -42.51 20.75
CA VAL B 265 6.05 -43.44 19.74
C VAL B 265 6.80 -42.76 18.59
N LEU B 266 8.08 -43.03 18.46
CA LEU B 266 8.83 -42.45 17.36
C LEU B 266 8.50 -43.25 16.10
N PHE B 267 9.10 -44.43 16.01
CA PHE B 267 8.90 -45.33 14.89
C PHE B 267 8.11 -46.55 15.35
N ALA B 268 7.54 -47.30 14.41
CA ALA B 268 6.78 -48.51 14.77
C ALA B 268 6.27 -49.30 13.55
N LEU B 269 6.08 -50.59 13.75
CA LEU B 269 5.58 -51.48 12.71
C LEU B 269 4.24 -51.99 13.22
N TRP B 270 3.28 -52.15 12.32
CA TRP B 270 1.97 -52.62 12.75
C TRP B 270 1.42 -53.69 11.86
N ALA B 271 0.87 -54.73 12.47
CA ALA B 271 0.27 -55.83 11.75
C ALA B 271 -1.23 -55.63 11.95
N PRO B 272 -1.93 -55.20 10.90
CA PRO B 272 -3.37 -54.91 10.84
C PRO B 272 -4.31 -56.00 11.33
N ASP B 273 -4.24 -57.15 10.67
CA ASP B 273 -5.10 -58.30 10.99
C ASP B 273 -5.18 -58.68 12.47
N LEU B 274 -4.02 -58.75 13.13
CA LEU B 274 -3.96 -59.10 14.54
C LEU B 274 -3.69 -57.91 15.46
N ARG B 275 -3.75 -56.70 14.89
CA ARG B 275 -3.51 -55.47 15.64
C ARG B 275 -2.28 -55.65 16.51
N ALA B 276 -1.20 -56.13 15.92
CA ALA B 276 0.01 -56.34 16.68
C ALA B 276 1.05 -55.28 16.37
N VAL B 277 1.94 -55.04 17.33
CA VAL B 277 2.99 -54.04 17.16
C VAL B 277 4.35 -54.71 17.07
N PRO B 278 4.59 -55.47 15.99
CA PRO B 278 5.85 -56.19 15.78
C PRO B 278 7.09 -55.47 16.32
N LEU B 279 7.37 -54.28 15.82
CA LEU B 279 8.53 -53.52 16.27
C LEU B 279 8.12 -52.11 16.69
N SER B 280 8.91 -51.44 17.54
CA SER B 280 8.59 -50.08 17.96
C SER B 280 9.66 -49.38 18.82
N VAL B 281 9.91 -48.12 18.51
CA VAL B 281 10.88 -47.31 19.24
C VAL B 281 10.07 -46.19 19.86
N ALA B 282 10.35 -45.83 21.11
CA ALA B 282 9.58 -44.77 21.74
C ALA B 282 10.26 -44.11 22.92
N LEU B 283 9.56 -43.15 23.53
CA LEU B 283 10.09 -42.43 24.67
C LEU B 283 9.20 -42.68 25.89
N VAL B 284 9.82 -42.83 27.06
CA VAL B 284 9.10 -43.05 28.31
C VAL B 284 9.92 -42.60 29.51
N ASP B 285 9.31 -42.66 30.69
CA ASP B 285 9.96 -42.29 31.96
C ASP B 285 9.58 -43.25 33.09
N LYS B 294 14.51 -43.05 34.99
CA LYS B 294 13.44 -42.34 34.28
C LYS B 294 13.95 -41.60 33.05
N GLN B 295 13.03 -41.20 32.17
CA GLN B 295 13.35 -40.49 30.94
C GLN B 295 14.31 -41.27 30.03
N LEU B 296 13.76 -42.07 29.13
CA LEU B 296 14.58 -42.87 28.23
C LEU B 296 13.87 -43.44 27.01
N VAL B 297 14.67 -43.81 26.01
CA VAL B 297 14.21 -44.41 24.76
C VAL B 297 13.98 -45.89 25.05
N VAL B 298 13.32 -46.60 24.13
CA VAL B 298 13.07 -48.02 24.36
C VAL B 298 12.70 -48.79 23.10
N LEU B 299 13.61 -49.67 22.67
CA LEU B 299 13.36 -50.51 21.50
C LEU B 299 12.51 -51.65 22.04
N ALA B 300 11.68 -52.28 21.20
CA ALA B 300 10.83 -53.35 21.70
C ALA B 300 10.17 -54.15 20.60
N VAL B 301 9.80 -55.40 20.92
CA VAL B 301 9.11 -56.26 19.98
C VAL B 301 7.83 -56.64 20.72
N GLU B 302 6.69 -56.37 20.10
CA GLU B 302 5.39 -56.60 20.73
C GLU B 302 5.44 -56.08 22.17
N HIS B 303 4.76 -56.75 23.10
CA HIS B 303 4.74 -56.30 24.49
C HIS B 303 6.05 -56.29 25.26
N THR B 304 7.13 -56.83 24.70
CA THR B 304 8.39 -56.88 25.45
C THR B 304 9.51 -55.98 24.97
N ALA B 305 10.19 -55.36 25.95
CA ALA B 305 11.30 -54.47 25.66
C ALA B 305 12.40 -55.29 25.00
N LEU B 306 13.55 -54.69 24.78
CA LEU B 306 14.68 -55.37 24.15
C LEU B 306 15.92 -54.59 24.42
N ALA B 307 15.75 -53.36 24.91
CA ALA B 307 16.89 -52.48 25.20
C ALA B 307 16.37 -51.10 25.58
N LEU B 308 17.13 -50.41 26.41
CA LEU B 308 16.74 -49.07 26.81
C LEU B 308 17.92 -48.15 26.63
N MET B 309 17.76 -46.90 27.04
CA MET B 309 18.81 -45.91 26.91
C MET B 309 18.26 -44.58 27.41
N GLU B 310 18.95 -43.96 28.36
CA GLU B 310 18.49 -42.69 28.91
C GLU B 310 18.75 -41.52 27.96
N ILE B 311 17.83 -40.56 27.97
CA ILE B 311 17.93 -39.36 27.14
C ILE B 311 17.30 -38.19 27.88
N LYS B 312 17.88 -37.01 27.70
CA LYS B 312 17.36 -35.79 28.33
C LYS B 312 16.41 -35.10 27.35
N VAL B 313 15.25 -35.72 27.15
CA VAL B 313 14.25 -35.21 26.22
C VAL B 313 13.87 -33.75 26.42
N CYS B 314 13.95 -33.27 27.67
CA CYS B 314 13.57 -31.88 27.95
C CYS B 314 14.70 -30.87 28.02
N ASP B 315 15.43 -30.72 26.92
CA ASP B 315 16.52 -29.77 26.81
C ASP B 315 16.50 -29.22 25.39
N GLY B 316 15.38 -29.46 24.71
CA GLY B 316 15.17 -28.99 23.35
C GLY B 316 16.37 -29.11 22.43
N GLN B 317 17.10 -30.21 22.53
CA GLN B 317 18.25 -30.41 21.67
C GLN B 317 18.02 -31.58 20.72
N GLU B 318 18.66 -31.52 19.56
CA GLU B 318 18.49 -32.58 18.59
C GLU B 318 19.27 -33.84 18.99
N HIS B 319 18.52 -34.92 19.16
CA HIS B 319 19.10 -36.21 19.52
C HIS B 319 19.00 -37.12 18.30
N VAL B 320 19.88 -38.11 18.20
CA VAL B 320 19.85 -38.98 17.05
C VAL B 320 19.63 -40.44 17.41
N VAL B 321 18.39 -40.79 17.71
CA VAL B 321 18.03 -42.16 18.05
C VAL B 321 18.19 -43.03 16.81
N THR B 322 18.87 -44.16 16.96
CA THR B 322 19.08 -45.07 15.85
C THR B 322 18.98 -46.55 16.24
N VAL B 323 18.13 -47.28 15.53
CA VAL B 323 17.88 -48.70 15.79
C VAL B 323 18.25 -49.57 14.58
N SER B 324 18.95 -50.68 14.84
CA SER B 324 19.36 -51.58 13.76
C SER B 324 18.98 -53.03 14.12
N LEU B 325 18.14 -53.67 13.31
CA LEU B 325 17.73 -55.04 13.60
C LEU B 325 17.78 -55.99 12.40
N ARG B 326 18.01 -57.27 12.72
CA ARG B 326 18.09 -58.38 11.77
C ARG B 326 18.41 -59.63 12.61
N ASP B 327 18.11 -60.83 12.12
CA ASP B 327 18.37 -62.02 12.93
C ASP B 327 19.79 -62.09 13.47
N GLY B 328 19.88 -62.13 14.80
CA GLY B 328 21.16 -62.19 15.46
C GLY B 328 21.49 -60.91 16.19
N GLU B 329 21.29 -59.79 15.51
CA GLU B 329 21.59 -58.49 16.10
C GLU B 329 20.32 -57.70 16.40
N ALA B 330 20.38 -56.85 17.42
CA ALA B 330 19.26 -56.02 17.82
C ALA B 330 19.81 -54.96 18.76
N THR B 331 20.42 -53.94 18.18
CA THR B 331 21.03 -52.85 18.94
C THR B 331 20.30 -51.51 18.82
N LEU B 332 20.42 -50.71 19.88
CA LEU B 332 19.79 -49.39 19.94
C LEU B 332 20.82 -48.36 20.38
N GLU B 333 21.05 -47.35 19.55
CA GLU B 333 22.02 -46.30 19.88
C GLU B 333 21.37 -44.92 20.00
N VAL B 334 21.94 -44.10 20.87
CA VAL B 334 21.46 -42.74 21.08
C VAL B 334 22.66 -41.79 21.07
N ASP B 335 22.91 -41.19 19.91
CA ASP B 335 24.04 -40.29 19.75
C ASP B 335 25.34 -41.09 19.76
N GLY B 336 25.26 -42.33 19.25
CA GLY B 336 26.43 -43.20 19.20
C GLY B 336 26.80 -43.81 20.55
N THR B 337 25.79 -44.22 21.31
CA THR B 337 26.02 -44.81 22.62
C THR B 337 24.96 -45.85 22.96
N ARG B 338 25.27 -47.11 22.69
CA ARG B 338 24.35 -48.22 22.93
C ARG B 338 23.88 -48.32 24.37
N GLY B 339 22.80 -49.07 24.57
CA GLY B 339 22.25 -49.26 25.91
C GLY B 339 22.22 -50.74 26.21
N GLN B 340 22.12 -51.11 27.49
CA GLN B 340 22.10 -52.52 27.86
C GLN B 340 20.72 -53.12 27.61
N SER B 341 20.69 -54.26 26.92
CA SER B 341 19.44 -54.94 26.60
C SER B 341 18.67 -55.38 27.84
N GLU B 342 17.49 -55.95 27.62
CA GLU B 342 16.64 -56.43 28.69
C GLU B 342 16.42 -57.92 28.46
N VAL B 343 16.98 -58.40 27.35
CA VAL B 343 16.85 -59.79 26.98
C VAL B 343 18.00 -60.66 27.47
N SER B 344 18.43 -61.59 26.62
CA SER B 344 19.50 -62.50 26.99
C SER B 344 20.02 -63.29 25.81
N ALA B 345 19.78 -62.80 24.59
CA ALA B 345 20.22 -63.50 23.38
C ALA B 345 19.48 -64.83 23.29
N ALA B 346 18.85 -65.20 24.39
CA ALA B 346 18.07 -66.44 24.48
C ALA B 346 16.62 -66.00 24.33
N GLN B 347 16.27 -64.93 25.04
CA GLN B 347 14.94 -64.37 24.98
C GLN B 347 14.90 -63.52 23.72
N LEU B 348 16.02 -62.83 23.48
CA LEU B 348 16.18 -61.98 22.31
C LEU B 348 15.93 -62.74 21.02
N GLN B 349 16.03 -64.06 21.09
CA GLN B 349 15.80 -64.88 19.92
C GLN B 349 14.35 -65.31 19.83
N GLU B 350 13.71 -65.48 20.99
CA GLU B 350 12.30 -65.88 21.01
C GLU B 350 11.49 -64.60 20.79
N ARG B 351 12.12 -63.65 20.10
CA ARG B 351 11.54 -62.36 19.74
C ARG B 351 11.82 -62.10 18.27
N LEU B 352 13.10 -61.92 17.93
CA LEU B 352 13.49 -61.67 16.55
C LEU B 352 12.93 -62.75 15.66
N ALA B 353 12.58 -63.89 16.28
CA ALA B 353 12.02 -65.00 15.54
C ALA B 353 10.57 -64.70 15.21
N VAL B 354 9.91 -64.02 16.15
CA VAL B 354 8.51 -63.64 16.01
C VAL B 354 8.49 -62.50 15.00
N LEU B 355 9.35 -61.52 15.23
CA LEU B 355 9.45 -60.37 14.35
C LEU B 355 9.60 -60.78 12.89
N GLU B 356 10.67 -61.52 12.57
CA GLU B 356 10.90 -61.93 11.18
C GLU B 356 9.78 -62.76 10.61
N ARG B 357 8.87 -63.22 11.47
CA ARG B 357 7.73 -64.01 11.01
C ARG B 357 6.62 -63.04 10.67
N HIS B 358 6.63 -61.91 11.37
CA HIS B 358 5.64 -60.85 11.16
C HIS B 358 5.94 -60.20 9.82
N LEU B 359 7.22 -60.00 9.55
CA LEU B 359 7.64 -59.37 8.31
C LEU B 359 7.37 -60.26 7.10
N ARG B 360 7.00 -61.52 7.33
CA ARG B 360 6.70 -62.43 6.23
C ARG B 360 5.32 -62.09 5.67
N SER B 361 4.71 -61.05 6.24
CA SER B 361 3.39 -60.60 5.82
C SER B 361 3.34 -59.08 5.72
N PRO B 362 2.22 -58.52 5.20
CA PRO B 362 2.07 -57.07 5.07
C PRO B 362 2.29 -56.37 6.42
N VAL B 363 3.01 -55.25 6.38
CA VAL B 363 3.27 -54.49 7.60
C VAL B 363 3.28 -52.99 7.36
N LEU B 364 2.42 -52.28 8.09
CA LEU B 364 2.36 -50.84 7.95
C LEU B 364 3.41 -50.22 8.86
N THR B 365 4.10 -49.21 8.35
CA THR B 365 5.14 -48.52 9.09
C THR B 365 4.57 -47.20 9.58
N PHE B 366 4.46 -47.05 10.90
CA PHE B 366 3.92 -45.83 11.47
C PHE B 366 4.97 -44.89 12.00
N ALA B 367 4.69 -43.59 11.87
CA ALA B 367 5.60 -42.57 12.35
C ALA B 367 4.77 -41.68 13.28
N GLY B 368 5.30 -41.46 14.48
CA GLY B 368 4.62 -40.62 15.45
C GLY B 368 3.52 -41.20 16.30
N GLY B 369 2.89 -42.31 15.87
CA GLY B 369 1.82 -42.87 16.67
C GLY B 369 1.32 -44.25 16.23
N LEU B 370 0.28 -44.75 16.88
CA LEU B 370 -0.27 -46.06 16.56
C LEU B 370 -1.77 -46.04 16.56
N PRO B 371 -2.40 -46.85 15.71
CA PRO B 371 -3.86 -46.87 15.69
C PRO B 371 -4.35 -47.28 17.06
N ASP B 372 -5.67 -47.43 17.21
CA ASP B 372 -6.23 -47.78 18.51
C ASP B 372 -5.92 -49.22 18.94
N VAL B 373 -4.87 -49.40 19.74
CA VAL B 373 -4.49 -50.73 20.23
C VAL B 373 -4.60 -50.75 21.74
N PRO B 374 -4.79 -51.93 22.33
CA PRO B 374 -4.90 -52.05 23.79
C PRO B 374 -3.59 -51.59 24.42
N VAL B 375 -3.68 -50.87 25.52
CA VAL B 375 -2.48 -50.34 26.18
C VAL B 375 -1.34 -51.35 26.42
N THR B 376 -1.69 -52.62 26.52
CA THR B 376 -0.70 -53.68 26.77
C THR B 376 -0.17 -54.28 25.47
N SER B 377 -0.35 -53.57 24.36
CA SER B 377 0.12 -54.05 23.07
C SER B 377 1.57 -53.66 22.83
N ALA B 378 2.07 -52.72 23.62
CA ALA B 378 3.45 -52.27 23.51
C ALA B 378 3.85 -51.41 24.70
N PRO B 379 5.15 -51.12 24.84
CA PRO B 379 5.67 -50.30 25.95
C PRO B 379 5.04 -48.92 25.95
N VAL B 380 5.01 -48.27 24.79
CA VAL B 380 4.43 -46.93 24.67
C VAL B 380 3.39 -46.93 23.54
N THR B 381 2.35 -46.13 23.68
CA THR B 381 1.32 -46.06 22.63
C THR B 381 0.77 -44.65 22.37
N ALA B 382 1.22 -43.68 23.15
CA ALA B 382 0.77 -42.30 22.99
C ALA B 382 1.55 -41.63 21.86
N PHE B 383 0.95 -40.61 21.26
CA PHE B 383 1.58 -39.89 20.15
C PHE B 383 2.77 -39.04 20.54
N TYR B 384 3.74 -38.98 19.64
CA TYR B 384 4.95 -38.19 19.85
C TYR B 384 4.61 -36.74 19.53
N ARG B 385 5.19 -35.81 20.29
CA ARG B 385 4.95 -34.38 20.05
C ARG B 385 6.28 -33.63 19.93
N GLY B 386 6.65 -33.28 18.71
CA GLY B 386 7.90 -32.57 18.48
C GLY B 386 8.40 -32.67 17.06
N CYS B 387 9.63 -32.25 16.84
CA CYS B 387 10.24 -32.30 15.52
C CYS B 387 10.93 -33.66 15.36
N MET B 388 10.81 -34.26 14.18
CA MET B 388 11.40 -35.58 13.94
C MET B 388 11.55 -35.98 12.48
N THR B 389 12.78 -36.30 12.08
CA THR B 389 13.06 -36.73 10.72
C THR B 389 13.45 -38.22 10.72
N LEU B 390 12.75 -39.03 9.91
CA LEU B 390 13.04 -40.44 9.87
C LEU B 390 13.70 -40.96 8.61
N GLU B 391 14.71 -41.80 8.81
CA GLU B 391 15.44 -42.47 7.73
C GLU B 391 15.12 -43.95 7.94
N VAL B 392 14.33 -44.57 7.05
CA VAL B 392 14.00 -45.97 7.22
C VAL B 392 14.58 -46.86 6.14
N ASN B 393 15.68 -47.54 6.48
CA ASN B 393 16.37 -48.43 5.57
C ASN B 393 17.18 -47.70 4.54
N ARG B 394 18.01 -46.76 5.01
CA ARG B 394 18.85 -45.96 4.13
C ARG B 394 18.04 -45.01 3.24
N ARG B 395 16.72 -45.07 3.37
CA ARG B 395 15.82 -44.20 2.60
C ARG B 395 15.26 -43.14 3.55
N LEU B 396 15.01 -41.95 3.02
CA LEU B 396 14.46 -40.86 3.83
C LEU B 396 12.95 -40.82 3.67
N LEU B 397 12.23 -40.78 4.78
CA LEU B 397 10.78 -40.74 4.69
C LEU B 397 10.25 -39.35 4.39
N ASP B 398 9.51 -39.23 3.29
CA ASP B 398 8.90 -37.96 2.88
C ASP B 398 7.43 -38.04 3.30
N LEU B 399 7.03 -37.27 4.31
CA LEU B 399 5.65 -37.36 4.72
C LEU B 399 4.63 -37.09 3.63
N ASP B 400 5.04 -36.49 2.53
CA ASP B 400 4.09 -36.21 1.45
C ASP B 400 3.92 -37.47 0.64
N GLU B 401 4.89 -38.38 0.76
CA GLU B 401 4.86 -39.64 0.04
C GLU B 401 4.17 -40.78 0.81
N ALA B 402 3.84 -40.53 2.07
CA ALA B 402 3.16 -41.51 2.90
C ALA B 402 1.85 -41.93 2.29
N ALA B 403 1.21 -42.93 2.91
CA ALA B 403 -0.07 -43.44 2.42
C ALA B 403 -1.13 -42.67 3.14
N TYR B 404 -0.74 -42.09 4.26
CA TYR B 404 -1.65 -41.30 5.04
C TYR B 404 -0.93 -40.51 6.12
N LYS B 405 -1.01 -39.19 6.02
CA LYS B 405 -0.40 -38.32 7.02
C LYS B 405 -1.54 -37.59 7.70
N HIS B 406 -1.59 -37.63 9.03
CA HIS B 406 -2.64 -36.90 9.72
C HIS B 406 -2.41 -35.49 9.27
N SER B 407 -3.49 -34.73 9.19
CA SER B 407 -3.40 -33.37 8.69
C SER B 407 -2.63 -32.33 9.48
N ASP B 408 -2.65 -32.43 10.80
CA ASP B 408 -1.93 -31.43 11.59
C ASP B 408 -0.43 -31.64 11.64
N ILE B 409 0.09 -32.61 10.89
CA ILE B 409 1.53 -32.88 10.87
C ILE B 409 2.12 -32.10 9.70
N THR B 410 3.16 -31.33 9.98
CA THR B 410 3.78 -30.52 8.95
C THR B 410 4.94 -31.25 8.28
N ALA B 411 4.72 -31.59 7.01
CA ALA B 411 5.68 -32.33 6.21
C ALA B 411 7.14 -31.85 6.21
N HIS B 412 7.37 -30.55 6.01
CA HIS B 412 8.75 -30.04 5.96
C HIS B 412 8.99 -28.74 6.71
N SER B 413 8.41 -28.60 7.89
CA SER B 413 8.62 -27.38 8.63
C SER B 413 8.27 -27.53 10.11
N CYS B 414 9.20 -27.18 10.98
CA CYS B 414 8.97 -27.27 12.43
C CYS B 414 9.01 -25.90 13.04
N PRO B 415 8.14 -25.65 14.02
CA PRO B 415 8.15 -24.34 14.67
C PRO B 415 9.38 -24.31 15.57
N PRO B 416 9.87 -23.11 15.92
CA PRO B 416 11.06 -23.02 16.77
C PRO B 416 10.79 -23.28 18.24
N VAL B 417 11.84 -23.62 18.98
CA VAL B 417 11.71 -23.87 20.40
C VAL B 417 11.68 -22.54 21.12
N GLU B 418 10.51 -22.18 21.64
CA GLU B 418 10.34 -20.92 22.37
C GLU B 418 11.28 -20.85 23.56
N PRO B 419 12.37 -20.06 23.47
CA PRO B 419 13.31 -19.95 24.58
C PRO B 419 12.68 -19.26 25.79
N ALA B 420 12.70 -19.94 26.94
CA ALA B 420 12.12 -19.41 28.17
C ALA B 420 13.22 -19.08 29.18
N ALA B 421 12.87 -18.64 30.30
N GLU C 2 33.11 23.12 0.49
CA GLU C 2 33.01 21.67 0.12
C GLU C 2 31.95 21.43 -0.96
N SER C 3 31.67 20.15 -1.21
CA SER C 3 30.67 19.75 -2.20
C SER C 3 29.28 19.88 -1.58
N PRO C 4 28.34 20.54 -2.28
CA PRO C 4 26.98 20.72 -1.77
C PRO C 4 26.24 19.41 -1.56
N PHE C 5 26.63 18.39 -2.32
CA PHE C 5 25.97 17.10 -2.23
C PHE C 5 26.05 16.40 -0.87
N VAL C 6 25.10 15.50 -0.64
CA VAL C 6 25.01 14.76 0.60
C VAL C 6 24.55 13.35 0.30
N GLY C 7 23.92 13.21 -0.86
CA GLY C 7 23.43 11.93 -1.31
C GLY C 7 23.82 11.80 -2.76
N ASN C 8 24.43 10.66 -3.10
CA ASN C 8 24.87 10.41 -4.45
C ASN C 8 24.02 9.35 -5.13
N PRO C 9 24.06 9.30 -6.47
CA PRO C 9 23.26 8.30 -7.20
C PRO C 9 23.63 6.89 -6.78
N GLY C 10 22.68 5.98 -6.92
CA GLY C 10 22.94 4.59 -6.60
C GLY C 10 23.21 3.89 -7.92
N ASN C 11 22.68 2.67 -8.07
CA ASN C 11 22.86 1.90 -9.29
C ASN C 11 21.59 1.12 -9.66
N ILE C 12 21.28 1.04 -10.95
CA ILE C 12 20.12 0.28 -11.36
C ILE C 12 20.41 -0.60 -12.54
N THR C 13 20.29 -1.91 -12.33
CA THR C 13 20.53 -2.90 -13.38
C THR C 13 19.29 -3.79 -13.51
N GLY C 14 18.88 -4.03 -14.75
CA GLY C 14 17.71 -4.85 -14.99
C GLY C 14 17.51 -5.16 -16.46
N ALA C 15 16.41 -5.83 -16.77
CA ALA C 15 16.13 -6.21 -18.15
C ALA C 15 15.65 -5.06 -18.97
N ARG C 16 15.67 -5.25 -20.28
CA ARG C 16 15.21 -4.22 -21.20
C ARG C 16 13.78 -3.94 -20.79
N GLY C 17 13.33 -2.70 -20.99
CA GLY C 17 11.98 -2.34 -20.62
C GLY C 17 11.81 -1.77 -19.22
N LEU C 18 12.49 -2.35 -18.24
CA LEU C 18 12.41 -1.89 -16.85
C LEU C 18 12.57 -0.39 -16.65
N THR C 19 11.72 0.19 -15.80
CA THR C 19 11.80 1.61 -15.50
C THR C 19 12.38 1.72 -14.10
N GLY C 20 13.29 2.65 -13.91
CA GLY C 20 13.90 2.80 -12.60
C GLY C 20 14.40 4.21 -12.39
N THR C 21 14.88 4.49 -11.19
CA THR C 21 15.33 5.84 -10.93
C THR C 21 16.59 6.00 -10.13
N LEU C 22 17.35 7.02 -10.53
CA LEU C 22 18.59 7.42 -9.90
C LEU C 22 18.27 8.72 -9.16
N ARG C 23 18.97 8.99 -8.06
CA ARG C 23 18.69 10.22 -7.33
C ARG C 23 19.82 10.71 -6.42
N CYS C 24 20.11 12.01 -6.51
CA CYS C 24 21.15 12.64 -5.69
C CYS C 24 20.48 13.76 -4.91
N GLN C 25 20.99 14.05 -3.73
CA GLN C 25 20.39 15.12 -2.93
C GLN C 25 21.41 16.02 -2.22
N LEU C 26 21.52 17.25 -2.69
CA LEU C 26 22.41 18.25 -2.13
C LEU C 26 21.70 19.21 -1.19
N GLN C 27 22.47 20.00 -0.43
CA GLN C 27 21.91 21.00 0.48
C GLN C 27 22.64 22.32 0.26
N VAL C 28 21.89 23.37 -0.11
CA VAL C 28 22.52 24.65 -0.38
C VAL C 28 22.01 25.84 0.44
N GLN C 29 22.68 26.97 0.26
CA GLN C 29 22.36 28.21 0.94
C GLN C 29 21.56 29.12 0.02
N GLY C 30 20.30 29.34 0.37
CA GLY C 30 19.45 30.21 -0.41
C GLY C 30 19.18 29.81 -1.85
N GLU C 31 17.98 30.15 -2.31
CA GLU C 31 17.50 29.86 -3.66
C GLU C 31 18.32 28.78 -4.32
N PRO C 32 17.85 27.52 -4.21
CA PRO C 32 18.48 26.34 -4.78
C PRO C 32 18.74 26.43 -6.27
N PRO C 33 19.83 25.80 -6.72
CA PRO C 33 20.23 25.79 -8.13
C PRO C 33 19.45 24.72 -8.87
N GLU C 34 19.41 24.80 -10.19
CA GLU C 34 18.73 23.75 -10.94
C GLU C 34 19.76 22.64 -11.10
N VAL C 35 19.35 21.40 -10.81
CA VAL C 35 20.27 20.28 -10.91
C VAL C 35 20.11 19.50 -12.21
N HIS C 36 21.24 19.32 -12.90
CA HIS C 36 21.34 18.63 -14.18
C HIS C 36 21.89 17.22 -14.01
N TRP C 37 21.72 16.41 -15.06
CA TRP C 37 22.23 15.05 -15.01
C TRP C 37 23.30 14.81 -16.06
N LEU C 38 24.37 14.17 -15.61
CA LEU C 38 25.47 13.85 -16.50
C LEU C 38 25.54 12.34 -16.70
N ARG C 39 25.61 11.94 -17.97
CA ARG C 39 25.76 10.52 -18.28
C ARG C 39 27.00 10.35 -19.14
N ASP C 40 27.98 9.63 -18.61
CA ASP C 40 29.24 9.40 -19.31
C ASP C 40 29.93 10.74 -19.50
N GLY C 41 29.77 11.61 -18.50
CA GLY C 41 30.41 12.91 -18.58
C GLY C 41 29.71 13.94 -19.44
N GLN C 42 28.69 13.54 -20.20
CA GLN C 42 27.97 14.50 -21.01
C GLN C 42 26.64 14.92 -20.38
N ILE C 43 26.12 16.05 -20.83
CA ILE C 43 24.87 16.58 -20.30
C ILE C 43 23.66 15.90 -20.93
N LEU C 44 22.74 15.43 -20.10
CA LEU C 44 21.52 14.78 -20.56
C LEU C 44 20.48 15.87 -20.82
N GLU C 45 20.33 16.27 -22.08
CA GLU C 45 19.39 17.33 -22.42
C GLU C 45 17.91 16.99 -22.34
N LEU C 46 17.51 15.82 -22.83
CA LEU C 46 16.10 15.43 -22.81
C LEU C 46 15.88 14.21 -21.96
N ALA C 47 15.56 14.40 -20.69
CA ALA C 47 15.32 13.28 -19.80
C ALA C 47 14.29 13.61 -18.72
N ASP C 48 13.51 12.61 -18.32
CA ASP C 48 12.52 12.81 -17.27
C ASP C 48 13.24 12.95 -15.94
N SER C 49 13.01 14.07 -15.26
CA SER C 49 13.62 14.32 -13.96
C SER C 49 12.60 15.01 -13.10
N THR C 50 12.79 14.93 -11.79
CA THR C 50 11.88 15.56 -10.84
C THR C 50 12.62 16.13 -9.64
N GLN C 51 12.69 17.45 -9.54
CA GLN C 51 13.38 18.04 -8.41
C GLN C 51 12.42 18.44 -7.28
N THR C 52 12.81 18.11 -6.06
CA THR C 52 12.04 18.41 -4.89
C THR C 52 12.82 19.38 -4.01
N GLN C 53 12.32 20.59 -3.85
CA GLN C 53 12.98 21.60 -3.03
C GLN C 53 12.26 21.83 -1.71
N VAL C 54 13.00 21.81 -0.62
CA VAL C 54 12.39 22.03 0.67
C VAL C 54 13.16 23.08 1.44
N PRO C 55 12.52 24.23 1.73
CA PRO C 55 13.17 25.31 2.47
C PRO C 55 13.28 24.95 3.94
N LEU C 56 14.50 25.10 4.47
CA LEU C 56 14.77 24.78 5.87
C LEU C 56 14.68 25.99 6.77
N GLY C 57 14.81 27.17 6.15
CA GLY C 57 14.76 28.40 6.91
C GLY C 57 13.38 29.04 6.97
N GLU C 58 13.35 30.32 7.28
CA GLU C 58 12.08 31.05 7.37
C GLU C 58 11.85 31.87 6.12
N ASP C 59 12.92 32.12 5.38
CA ASP C 59 12.82 32.87 4.14
C ASP C 59 13.41 32.00 3.03
N GLU C 60 13.45 32.52 1.81
CA GLU C 60 14.00 31.80 0.66
C GLU C 60 15.49 32.08 0.51
N GLN C 61 16.10 32.69 1.53
CA GLN C 61 17.52 33.01 1.50
C GLN C 61 18.33 32.24 2.55
N ASP C 62 17.68 31.25 3.17
CA ASP C 62 18.34 30.41 4.17
C ASP C 62 18.64 29.06 3.51
N ASP C 63 18.95 28.04 4.30
CA ASP C 63 19.29 26.73 3.74
C ASP C 63 18.13 25.94 3.10
N TRP C 64 18.44 25.32 1.96
CA TRP C 64 17.49 24.50 1.20
C TRP C 64 17.98 23.07 0.99
N ILE C 65 17.02 22.17 0.80
CA ILE C 65 17.35 20.79 0.51
C ILE C 65 16.78 20.44 -0.86
N VAL C 66 17.68 20.17 -1.79
CA VAL C 66 17.26 19.81 -3.12
C VAL C 66 17.51 18.34 -3.32
N VAL C 67 16.62 17.68 -4.03
CA VAL C 67 16.74 16.26 -4.30
C VAL C 67 16.27 16.10 -5.71
N SER C 68 17.13 15.60 -6.58
CA SER C 68 16.71 15.41 -7.97
C SER C 68 16.75 13.96 -8.32
N GLN C 69 15.71 13.46 -8.98
CA GLN C 69 15.71 12.08 -9.38
C GLN C 69 15.40 11.94 -10.86
N LEU C 70 16.35 11.30 -11.55
CA LEU C 70 16.29 11.04 -12.96
C LEU C 70 15.54 9.73 -13.08
N ARG C 71 14.64 9.66 -14.04
CA ARG C 71 13.89 8.44 -14.22
C ARG C 71 14.07 7.94 -15.61
N ILE C 72 14.40 6.66 -15.71
CA ILE C 72 14.56 6.05 -17.01
C ILE C 72 13.32 5.17 -17.12
N THR C 73 12.54 5.42 -18.17
CA THR C 73 11.30 4.70 -18.40
C THR C 73 11.56 3.28 -18.92
N SER C 74 11.43 3.07 -20.23
CA SER C 74 11.68 1.76 -20.81
C SER C 74 13.18 1.63 -20.96
N LEU C 75 13.84 1.00 -20.00
CA LEU C 75 15.27 0.83 -20.04
C LEU C 75 15.76 0.10 -21.29
N GLN C 76 16.53 0.77 -22.15
CA GLN C 76 17.03 0.10 -23.34
C GLN C 76 18.54 -0.04 -23.21
N LEU C 77 19.25 -0.23 -24.32
CA LEU C 77 20.70 -0.42 -24.24
C LEU C 77 21.52 0.85 -24.03
N SER C 78 21.21 1.88 -24.82
CA SER C 78 21.90 3.16 -24.75
C SER C 78 21.91 3.79 -23.35
N ASP C 79 20.82 3.65 -22.64
CA ASP C 79 20.71 4.23 -21.31
C ASP C 79 21.77 3.70 -20.36
N THR C 80 22.61 2.81 -20.86
CA THR C 80 23.64 2.21 -20.03
C THR C 80 24.85 3.12 -19.83
N GLY C 81 25.28 3.26 -18.58
CA GLY C 81 26.43 4.10 -18.31
C GLY C 81 26.62 4.55 -16.89
N GLN C 82 27.53 5.51 -16.71
CA GLN C 82 27.83 6.09 -15.41
C GLN C 82 27.06 7.43 -15.40
N TYR C 83 26.24 7.62 -14.38
CA TYR C 83 25.41 8.82 -14.25
C TYR C 83 25.83 9.61 -13.04
N GLN C 84 25.70 10.93 -13.11
CA GLN C 84 26.03 11.80 -11.98
C GLN C 84 25.32 13.16 -12.09
N CYS C 85 25.13 13.79 -10.93
CA CYS C 85 24.46 15.08 -10.81
C CYS C 85 25.40 16.26 -10.95
N LEU C 86 24.87 17.36 -11.49
CA LEU C 86 25.66 18.57 -11.70
C LEU C 86 24.92 19.85 -11.33
N VAL C 87 25.53 20.68 -10.50
CA VAL C 87 24.92 21.96 -10.13
C VAL C 87 25.92 23.07 -10.29
N PHE C 88 25.45 24.24 -10.72
CA PHE C 88 26.32 25.39 -10.88
C PHE C 88 26.17 26.32 -9.67
N LEU C 89 27.22 26.51 -8.90
CA LEU C 89 27.16 27.44 -7.78
C LEU C 89 28.05 28.64 -8.10
N GLY C 90 27.49 29.60 -8.83
CA GLY C 90 28.26 30.74 -9.24
C GLY C 90 28.92 30.33 -10.52
N HIS C 91 30.10 30.89 -10.81
CA HIS C 91 30.81 30.53 -12.04
C HIS C 91 31.47 29.15 -11.80
N GLN C 92 31.36 28.67 -10.56
CA GLN C 92 31.93 27.39 -10.18
C GLN C 92 31.01 26.23 -10.58
N THR C 93 31.48 24.99 -10.45
CA THR C 93 30.70 23.82 -10.84
C THR C 93 30.83 22.64 -9.88
N PHE C 94 29.74 21.87 -9.70
CA PHE C 94 29.79 20.73 -8.80
C PHE C 94 29.15 19.45 -9.30
N VAL C 95 29.85 18.33 -9.11
CA VAL C 95 29.37 17.02 -9.55
C VAL C 95 29.28 16.02 -8.42
N SER C 96 28.30 15.14 -8.52
CA SER C 96 28.07 14.13 -7.50
C SER C 96 28.91 12.90 -7.76
N GLN C 97 28.97 12.01 -6.77
CA GLN C 97 29.70 10.77 -6.95
C GLN C 97 28.93 10.14 -8.09
N PRO C 98 29.49 9.13 -8.76
CA PRO C 98 28.71 8.55 -9.87
C PRO C 98 27.92 7.30 -9.50
N GLY C 99 26.98 6.97 -10.38
CA GLY C 99 26.12 5.81 -10.19
C GLY C 99 26.12 5.21 -11.57
N TYR C 100 25.91 3.90 -11.64
CA TYR C 100 25.96 3.21 -12.92
C TYR C 100 24.70 2.40 -13.21
N VAL C 101 24.22 2.49 -14.44
CA VAL C 101 23.04 1.72 -14.81
C VAL C 101 23.37 0.78 -15.99
N GLY C 102 23.22 -0.52 -15.72
CA GLY C 102 23.48 -1.54 -16.73
C GLY C 102 22.34 -2.48 -17.04
N LEU C 103 22.22 -2.82 -18.33
CA LEU C 103 21.20 -3.73 -18.85
C LEU C 103 21.62 -5.15 -18.55
N GLU C 104 20.69 -5.97 -18.08
CA GLU C 104 21.04 -7.34 -17.73
C GLU C 104 19.81 -8.24 -17.46
N GLY C 105 19.47 -9.10 -18.43
CA GLY C 105 18.33 -9.98 -18.29
C GLY C 105 18.43 -11.25 -19.13
N LEU C 106 17.33 -11.97 -19.27
CA LEU C 106 17.30 -13.21 -20.04
C LEU C 106 17.65 -12.99 -21.51
N PRO C 107 17.88 -14.08 -22.25
CA PRO C 107 18.22 -14.02 -23.67
C PRO C 107 17.13 -13.41 -24.52
N TYR C 108 17.55 -12.71 -25.57
CA TYR C 108 16.64 -12.03 -26.48
C TYR C 108 16.79 -12.69 -27.83
N PHE C 109 15.73 -13.18 -28.44
CA PHE C 109 15.92 -13.83 -29.74
C PHE C 109 16.06 -12.86 -30.89
N LEU C 110 16.84 -13.24 -31.88
CA LEU C 110 17.05 -12.40 -33.07
C LEU C 110 16.51 -13.16 -34.27
N GLU C 111 16.51 -14.48 -34.14
CA GLU C 111 16.02 -15.38 -35.18
C GLU C 111 15.51 -16.63 -34.46
N GLU C 112 14.31 -17.09 -34.84
CA GLU C 112 13.71 -18.28 -34.22
C GLU C 112 13.33 -19.29 -35.28
N PRO C 113 13.31 -20.59 -34.92
CA PRO C 113 12.95 -21.59 -35.91
C PRO C 113 11.65 -21.22 -36.62
N GLU C 114 11.69 -21.19 -37.95
CA GLU C 114 10.51 -20.83 -38.72
C GLU C 114 9.73 -22.05 -39.17
N ASP C 115 8.47 -21.84 -39.51
CA ASP C 115 7.61 -22.93 -39.97
C ASP C 115 7.98 -23.29 -41.41
N ARG C 116 7.99 -24.58 -41.70
CA ARG C 116 8.31 -25.03 -43.05
C ARG C 116 7.50 -26.24 -43.47
N THR C 117 7.47 -26.46 -44.79
CA THR C 117 6.75 -27.57 -45.36
C THR C 117 7.67 -28.18 -46.43
N VAL C 118 8.35 -29.25 -46.03
CA VAL C 118 9.32 -29.93 -46.88
C VAL C 118 8.88 -31.28 -47.41
N ALA C 119 9.47 -31.67 -48.53
CA ALA C 119 9.18 -32.96 -49.14
C ALA C 119 9.82 -34.00 -48.22
N ALA C 120 9.20 -35.17 -48.11
CA ALA C 120 9.72 -36.22 -47.26
C ALA C 120 11.19 -36.56 -47.52
N ASN C 121 11.84 -37.10 -46.50
CA ASN C 121 13.24 -37.51 -46.55
C ASN C 121 14.19 -36.58 -47.30
N THR C 122 13.93 -35.28 -47.21
CA THR C 122 14.76 -34.26 -47.84
C THR C 122 15.43 -33.44 -46.73
N PRO C 123 16.68 -32.99 -46.95
CA PRO C 123 17.37 -32.20 -45.92
C PRO C 123 16.99 -30.72 -45.91
N PHE C 124 17.14 -30.10 -44.73
CA PHE C 124 16.85 -28.69 -44.57
C PHE C 124 17.48 -28.20 -43.27
N ASN C 125 17.48 -26.89 -43.07
CA ASN C 125 18.08 -26.31 -41.87
C ASN C 125 17.18 -25.30 -41.17
N LEU C 126 17.31 -25.22 -39.85
CA LEU C 126 16.54 -24.25 -39.07
C LEU C 126 17.56 -23.35 -38.40
N SER C 127 17.15 -22.18 -37.92
CA SER C 127 18.11 -21.27 -37.31
C SER C 127 17.65 -20.79 -35.96
N CYS C 128 18.57 -20.31 -35.14
CA CYS C 128 18.17 -19.84 -33.84
C CYS C 128 19.21 -18.97 -33.17
N GLN C 129 19.15 -17.67 -33.43
CA GLN C 129 20.08 -16.73 -32.82
C GLN C 129 19.47 -16.11 -31.57
N ALA C 130 20.33 -15.65 -30.67
CA ALA C 130 19.85 -15.03 -29.44
C ALA C 130 20.95 -14.27 -28.74
N GLN C 131 20.72 -12.99 -28.47
CA GLN C 131 21.70 -12.16 -27.81
C GLN C 131 21.45 -11.96 -26.34
N GLY C 132 22.46 -11.45 -25.65
CA GLY C 132 22.37 -11.17 -24.23
C GLY C 132 22.15 -9.67 -24.14
N PRO C 133 22.66 -8.97 -23.12
CA PRO C 133 23.48 -9.41 -21.99
C PRO C 133 22.66 -9.93 -20.84
N PRO C 134 23.30 -10.66 -19.91
CA PRO C 134 24.73 -10.93 -20.03
C PRO C 134 25.01 -12.04 -21.04
N GLU C 135 26.24 -12.12 -21.50
CA GLU C 135 26.66 -13.17 -22.40
C GLU C 135 27.58 -14.04 -21.52
N PRO C 136 27.94 -15.24 -21.98
CA PRO C 136 27.58 -15.87 -23.26
C PRO C 136 26.22 -16.54 -23.13
N VAL C 137 25.55 -16.77 -24.26
CA VAL C 137 24.27 -17.45 -24.23
C VAL C 137 24.38 -18.79 -24.95
N ASP C 138 24.06 -19.85 -24.23
CA ASP C 138 24.13 -21.20 -24.78
C ASP C 138 22.77 -21.59 -25.34
N LEU C 139 22.76 -22.16 -26.56
CA LEU C 139 21.54 -22.60 -27.19
C LEU C 139 21.31 -24.08 -26.93
N LEU C 140 20.13 -24.59 -27.29
CA LEU C 140 19.79 -25.99 -27.10
C LEU C 140 18.51 -26.35 -27.83
N TRP C 141 18.59 -27.18 -28.87
CA TRP C 141 17.39 -27.54 -29.61
C TRP C 141 16.52 -28.60 -28.98
N LEU C 142 15.30 -28.74 -29.50
CA LEU C 142 14.33 -29.72 -29.03
C LEU C 142 13.54 -30.22 -30.22
N GLN C 143 13.30 -31.53 -30.27
CA GLN C 143 12.53 -32.09 -31.37
C GLN C 143 11.32 -32.76 -30.75
N ASP C 144 10.13 -32.35 -31.19
CA ASP C 144 8.90 -32.90 -30.65
C ASP C 144 9.03 -32.86 -29.13
N ALA C 145 9.44 -31.72 -28.60
CA ALA C 145 9.61 -31.53 -27.15
C ALA C 145 10.74 -32.41 -26.56
N VAL C 146 11.75 -32.70 -27.37
CA VAL C 146 12.84 -33.53 -26.89
C VAL C 146 14.23 -32.92 -27.11
N PRO C 147 15.00 -32.78 -26.04
CA PRO C 147 16.34 -32.22 -26.18
C PRO C 147 17.14 -33.03 -27.20
N LEU C 148 18.03 -32.37 -27.92
CA LEU C 148 18.86 -33.01 -28.93
C LEU C 148 20.29 -32.97 -28.42
N ALA C 149 20.42 -32.79 -27.12
CA ALA C 149 21.74 -32.74 -26.52
C ALA C 149 21.58 -32.80 -25.02
N THR C 150 22.67 -33.20 -24.37
CA THR C 150 22.75 -33.36 -22.92
C THR C 150 22.34 -32.08 -22.16
N ALA C 151 22.99 -30.97 -22.50
CA ALA C 151 22.73 -29.69 -21.86
C ALA C 151 23.02 -28.49 -22.79
N PRO C 152 22.57 -27.29 -22.38
CA PRO C 152 22.79 -26.09 -23.17
C PRO C 152 24.23 -25.92 -23.64
N GLY C 153 24.41 -25.31 -24.80
CA GLY C 153 25.74 -25.08 -25.34
C GLY C 153 26.26 -26.28 -26.09
N HIS C 154 25.70 -27.44 -25.77
CA HIS C 154 26.09 -28.69 -26.40
C HIS C 154 25.18 -29.04 -27.56
N GLY C 155 25.76 -29.51 -28.65
CA GLY C 155 24.94 -29.88 -29.80
C GLY C 155 24.87 -28.76 -30.80
N PRO C 156 23.93 -28.82 -31.76
CA PRO C 156 23.82 -27.75 -32.75
C PRO C 156 23.38 -26.46 -32.08
N GLN C 157 23.66 -25.34 -32.74
CA GLN C 157 23.32 -24.00 -32.24
C GLN C 157 23.31 -22.99 -33.38
N ARG C 158 22.42 -22.01 -33.32
CA ARG C 158 22.35 -20.98 -34.37
C ARG C 158 21.97 -21.56 -35.71
N SER C 159 22.20 -22.85 -35.89
CA SER C 159 21.85 -23.53 -37.14
C SER C 159 21.88 -25.03 -36.96
N LEU C 160 20.69 -25.63 -37.08
CA LEU C 160 20.51 -27.06 -36.93
C LEU C 160 20.13 -27.64 -38.27
N HIS C 161 20.90 -28.64 -38.71
CA HIS C 161 20.64 -29.32 -39.96
C HIS C 161 19.83 -30.58 -39.71
N VAL C 162 18.70 -30.71 -40.39
CA VAL C 162 17.87 -31.88 -40.26
C VAL C 162 18.04 -32.64 -41.56
N PRO C 163 18.55 -33.88 -41.50
CA PRO C 163 18.74 -34.68 -42.71
C PRO C 163 17.43 -34.95 -43.45
N GLY C 164 16.42 -35.40 -42.70
CA GLY C 164 15.14 -35.67 -43.33
C GLY C 164 14.08 -36.03 -42.34
N LEU C 165 12.82 -35.96 -42.77
CA LEU C 165 11.70 -36.28 -41.91
C LEU C 165 10.63 -37.04 -42.68
N ASN C 166 10.29 -38.23 -42.21
CA ASN C 166 9.27 -39.04 -42.86
C ASN C 166 7.86 -38.76 -42.34
N LYS C 167 7.73 -37.69 -41.57
CA LYS C 167 6.44 -37.27 -40.98
C LYS C 167 6.60 -35.89 -40.35
N THR C 168 5.51 -35.12 -40.32
CA THR C 168 5.53 -33.78 -39.73
C THR C 168 6.03 -33.78 -38.29
N SER C 169 7.01 -32.92 -38.01
CA SER C 169 7.58 -32.80 -36.68
C SER C 169 7.71 -31.34 -36.27
N SER C 170 8.18 -31.10 -35.04
CA SER C 170 8.34 -29.74 -34.54
C SER C 170 9.65 -29.54 -33.76
N PHE C 171 10.21 -28.33 -33.85
CA PHE C 171 11.46 -28.00 -33.17
C PHE C 171 11.35 -26.71 -32.35
N SER C 172 12.00 -26.68 -31.19
CA SER C 172 12.01 -25.52 -30.33
C SER C 172 13.48 -25.16 -30.24
N CYS C 173 13.79 -24.14 -29.44
CA CYS C 173 15.17 -23.72 -29.27
C CYS C 173 15.30 -22.89 -28.01
N GLU C 174 15.82 -23.49 -26.96
CA GLU C 174 15.99 -22.78 -25.70
C GLU C 174 17.22 -21.92 -25.87
N ALA C 175 17.34 -20.92 -25.01
CA ALA C 175 18.47 -19.99 -25.02
C ALA C 175 18.72 -19.72 -23.55
N HIS C 176 19.91 -20.06 -23.08
CA HIS C 176 20.22 -19.84 -21.67
C HIS C 176 21.36 -18.87 -21.43
N ASN C 177 21.35 -18.27 -20.24
CA ASN C 177 22.42 -17.38 -19.79
C ASN C 177 22.28 -17.18 -18.29
N ALA C 178 23.33 -16.67 -17.67
CA ALA C 178 23.36 -16.45 -16.23
C ALA C 178 22.06 -16.02 -15.58
N LYS C 179 21.19 -15.34 -16.33
CA LYS C 179 19.93 -14.87 -15.76
C LYS C 179 18.86 -15.93 -15.70
N GLY C 180 18.75 -16.72 -16.76
CA GLY C 180 17.75 -17.77 -16.82
C GLY C 180 17.58 -18.26 -18.25
N VAL C 181 16.42 -18.79 -18.56
CA VAL C 181 16.21 -19.27 -19.91
C VAL C 181 14.97 -18.74 -20.58
N THR C 182 15.06 -18.56 -21.89
CA THR C 182 13.92 -18.09 -22.66
C THR C 182 13.83 -19.04 -23.86
N THR C 183 12.70 -19.74 -23.93
CA THR C 183 12.46 -20.73 -24.99
C THR C 183 11.84 -20.04 -26.19
N SER C 184 12.21 -20.49 -27.38
CA SER C 184 11.67 -19.89 -28.58
C SER C 184 10.30 -20.44 -28.88
N ARG C 185 9.73 -19.99 -29.99
CA ARG C 185 8.45 -20.46 -30.43
C ARG C 185 8.68 -21.85 -30.97
N THR C 186 7.60 -22.62 -31.11
CA THR C 186 7.70 -23.98 -31.61
C THR C 186 7.41 -23.99 -33.09
N ALA C 187 8.43 -24.32 -33.88
CA ALA C 187 8.27 -24.38 -35.32
C ALA C 187 7.73 -25.75 -35.72
N THR C 188 6.84 -25.73 -36.70
CA THR C 188 6.22 -26.96 -37.18
C THR C 188 6.63 -27.21 -38.61
N ILE C 189 7.30 -28.34 -38.84
CA ILE C 189 7.73 -28.73 -40.18
C ILE C 189 6.71 -29.70 -40.76
N THR C 190 6.06 -29.31 -41.85
CA THR C 190 5.03 -30.14 -42.47
C THR C 190 5.59 -31.00 -43.61
N VAL C 191 5.42 -32.30 -43.52
CA VAL C 191 5.91 -33.24 -44.54
C VAL C 191 4.84 -33.62 -45.59
N LEU C 192 5.28 -33.87 -46.83
CA LEU C 192 4.37 -34.21 -47.92
C LEU C 192 4.46 -35.64 -48.51
N PRO C 193 5.59 -36.08 -48.84
N GLU D 2 -32.19 -24.03 5.97
CA GLU D 2 -32.17 -22.53 5.88
C GLU D 2 -31.48 -22.04 4.60
N SER D 3 -31.24 -20.74 4.54
CA SER D 3 -30.58 -20.12 3.39
C SER D 3 -29.07 -20.32 3.52
N PRO D 4 -28.40 -20.79 2.45
CA PRO D 4 -26.97 -21.02 2.47
C PRO D 4 -26.16 -19.77 2.71
N PHE D 5 -26.73 -18.62 2.33
CA PHE D 5 -26.04 -17.34 2.48
C PHE D 5 -25.69 -16.94 3.90
N VAL D 6 -24.68 -16.08 4.01
CA VAL D 6 -24.19 -15.61 5.29
C VAL D 6 -23.81 -14.15 5.14
N GLY D 7 -23.54 -13.76 3.90
CA GLY D 7 -23.16 -12.39 3.60
C GLY D 7 -23.98 -11.99 2.40
N ASN D 8 -24.63 -10.83 2.49
CA ASN D 8 -25.46 -10.32 1.42
C ASN D 8 -24.83 -9.12 0.74
N PRO D 9 -25.26 -8.81 -0.48
CA PRO D 9 -24.70 -7.67 -1.20
C PRO D 9 -24.88 -6.37 -0.42
N GLY D 10 -23.97 -5.42 -0.65
CA GLY D 10 -24.07 -4.14 0.01
C GLY D 10 -24.72 -3.19 -0.99
N ASN D 11 -24.22 -1.96 -1.06
CA ASN D 11 -24.75 -0.96 -1.98
C ASN D 11 -23.64 -0.08 -2.55
N ILE D 12 -23.72 0.26 -3.83
CA ILE D 12 -22.71 1.13 -4.41
C ILE D 12 -23.33 2.23 -5.25
N THR D 13 -23.11 3.47 -4.83
CA THR D 13 -23.62 4.63 -5.52
C THR D 13 -22.46 5.57 -5.85
N GLY D 14 -22.45 6.08 -7.07
CA GLY D 14 -21.39 6.98 -7.48
C GLY D 14 -21.63 7.58 -8.84
N ALA D 15 -20.67 8.35 -9.33
CA ALA D 15 -20.81 9.01 -10.63
C ALA D 15 -20.62 8.05 -11.78
N ARG D 16 -21.04 8.49 -12.96
CA ARG D 16 -20.90 7.69 -14.16
C ARG D 16 -19.41 7.37 -14.27
N GLY D 17 -19.09 6.22 -14.84
CA GLY D 17 -17.71 5.84 -14.98
C GLY D 17 -17.16 5.00 -13.84
N LEU D 18 -17.49 5.35 -12.60
CA LEU D 18 -16.99 4.62 -11.42
C LEU D 18 -17.11 3.11 -11.49
N THR D 19 -16.07 2.41 -11.06
CA THR D 19 -16.11 0.96 -11.06
C THR D 19 -16.25 0.55 -9.60
N GLY D 20 -17.07 -0.45 -9.34
CA GLY D 20 -17.25 -0.87 -7.96
C GLY D 20 -17.70 -2.32 -7.91
N THR D 21 -17.80 -2.86 -6.70
CA THR D 21 -18.18 -4.24 -6.60
C THR D 21 -19.16 -4.62 -5.49
N LEU D 22 -20.04 -5.54 -5.83
CA LEU D 22 -21.04 -6.10 -4.95
C LEU D 22 -20.56 -7.51 -4.63
N ARG D 23 -20.89 -8.03 -3.45
CA ARG D 23 -20.44 -9.38 -3.11
C ARG D 23 -21.24 -10.06 -2.03
N CYS D 24 -21.60 -11.32 -2.28
CA CYS D 24 -22.35 -12.14 -1.33
C CYS D 24 -21.52 -13.36 -1.02
N GLN D 25 -21.66 -13.91 0.18
CA GLN D 25 -20.88 -15.08 0.53
C GLN D 25 -21.66 -16.16 1.31
N LEU D 26 -21.94 -17.26 0.65
CA LEU D 26 -22.66 -18.39 1.25
C LEU D 26 -21.70 -19.49 1.73
N GLN D 27 -22.24 -20.43 2.51
CA GLN D 27 -21.47 -21.58 2.99
C GLN D 27 -22.26 -22.86 2.73
N VAL D 28 -21.71 -23.79 1.95
CA VAL D 28 -22.42 -25.01 1.63
C VAL D 28 -21.71 -26.31 1.98
N GLN D 29 -22.44 -27.41 1.82
CA GLN D 29 -21.95 -28.75 2.10
C GLN D 29 -21.51 -29.43 0.82
N GLY D 30 -20.21 -29.67 0.72
CA GLY D 30 -19.64 -30.34 -0.45
C GLY D 30 -19.82 -29.63 -1.78
N GLU D 31 -18.83 -29.85 -2.65
CA GLU D 31 -18.77 -29.28 -3.98
C GLU D 31 -19.73 -28.11 -4.14
N PRO D 32 -19.22 -26.90 -3.94
CA PRO D 32 -19.96 -25.64 -4.02
C PRO D 32 -20.67 -25.44 -5.35
N PRO D 33 -21.83 -24.78 -5.33
CA PRO D 33 -22.63 -24.50 -6.51
C PRO D 33 -22.10 -23.27 -7.22
N GLU D 34 -22.47 -23.08 -8.47
CA GLU D 34 -22.02 -21.88 -9.17
C GLU D 34 -22.99 -20.80 -8.78
N VAL D 35 -22.48 -19.63 -8.39
CA VAL D 35 -23.35 -18.54 -7.98
C VAL D 35 -23.56 -17.51 -9.07
N HIS D 36 -24.84 -17.24 -9.34
CA HIS D 36 -25.30 -16.30 -10.37
C HIS D 36 -25.73 -14.96 -9.79
N TRP D 37 -25.85 -13.96 -10.64
CA TRP D 37 -26.29 -12.66 -10.17
C TRP D 37 -27.62 -12.24 -10.74
N LEU D 38 -28.48 -11.74 -9.88
CA LEU D 38 -29.78 -11.28 -10.29
C LEU D 38 -29.88 -9.77 -10.16
N ARG D 39 -30.32 -9.11 -11.24
CA ARG D 39 -30.52 -7.66 -11.21
C ARG D 39 -31.96 -7.36 -11.60
N ASP D 40 -32.71 -6.82 -10.66
CA ASP D 40 -34.11 -6.49 -10.88
C ASP D 40 -34.86 -7.77 -11.10
N GLY D 41 -34.43 -8.81 -10.40
CA GLY D 41 -35.10 -10.10 -10.55
C GLY D 41 -34.72 -10.92 -11.77
N GLN D 42 -33.98 -10.34 -12.71
CA GLN D 42 -33.57 -11.10 -13.89
C GLN D 42 -32.13 -11.58 -13.78
N ILE D 43 -31.80 -12.59 -14.59
CA ILE D 43 -30.46 -13.17 -14.58
C ILE D 43 -29.48 -12.34 -15.39
N LEU D 44 -28.35 -12.02 -14.79
CA LEU D 44 -27.30 -11.26 -15.47
C LEU D 44 -26.42 -12.25 -16.25
N GLU D 45 -26.68 -12.36 -17.55
CA GLU D 45 -25.93 -13.30 -18.38
C GLU D 45 -24.47 -12.95 -18.68
N LEU D 46 -24.20 -11.68 -19.02
CA LEU D 46 -22.85 -11.26 -19.35
C LEU D 46 -22.33 -10.22 -18.39
N ALA D 47 -21.65 -10.65 -17.33
CA ALA D 47 -21.12 -9.72 -16.35
C ALA D 47 -19.83 -10.21 -15.71
N ASP D 48 -18.91 -9.30 -15.38
CA ASP D 48 -17.67 -9.69 -14.74
C ASP D 48 -17.97 -10.12 -13.32
N SER D 49 -17.57 -11.34 -12.98
CA SER D 49 -17.77 -11.86 -11.63
C SER D 49 -16.55 -12.67 -11.28
N THR D 50 -16.33 -12.89 -9.99
CA THR D 50 -15.19 -13.66 -9.51
C THR D 50 -15.55 -14.47 -8.28
N GLN D 51 -15.63 -15.79 -8.43
CA GLN D 51 -15.96 -16.63 -7.29
C GLN D 51 -14.72 -17.21 -6.62
N THR D 52 -14.70 -17.14 -5.30
CA THR D 52 -13.60 -17.66 -4.50
C THR D 52 -14.11 -18.79 -3.66
N GLN D 53 -13.61 -20.00 -3.89
CA GLN D 53 -14.03 -21.17 -3.15
C GLN D 53 -12.95 -21.65 -2.17
N VAL D 54 -13.35 -21.86 -0.93
CA VAL D 54 -12.38 -22.31 0.04
C VAL D 54 -12.91 -23.53 0.79
N PRO D 55 -12.23 -24.69 0.63
CA PRO D 55 -12.65 -25.91 1.30
C PRO D 55 -12.32 -25.86 2.79
N LEU D 56 -13.30 -26.17 3.62
CA LEU D 56 -13.14 -26.13 5.07
C LEU D 56 -12.81 -27.50 5.62
N GLY D 57 -13.17 -28.53 4.86
CA GLY D 57 -12.93 -29.89 5.30
C GLY D 57 -11.62 -30.47 4.80
N GLU D 58 -11.52 -31.80 4.82
CA GLU D 58 -10.30 -32.48 4.39
C GLU D 58 -10.49 -33.03 2.97
N ASP D 59 -11.74 -33.16 2.57
CA ASP D 59 -12.06 -33.65 1.23
C ASP D 59 -12.94 -32.58 0.56
N GLU D 60 -13.35 -32.85 -0.68
CA GLU D 60 -14.21 -31.93 -1.43
C GLU D 60 -15.68 -32.22 -1.18
N GLN D 61 -15.97 -33.05 -0.16
CA GLN D 61 -17.35 -33.41 0.18
C GLN D 61 -17.77 -32.89 1.56
N ASP D 62 -16.93 -32.03 2.14
CA ASP D 62 -17.23 -31.43 3.44
C ASP D 62 -17.69 -29.99 3.20
N ASP D 63 -17.69 -29.15 4.23
CA ASP D 63 -18.14 -27.77 4.07
C ASP D 63 -17.22 -26.83 3.27
N TRP D 64 -17.83 -25.99 2.44
CA TRP D 64 -17.13 -25.01 1.61
C TRP D 64 -17.62 -23.59 1.84
N ILE D 65 -16.76 -22.63 1.54
CA ILE D 65 -17.10 -21.24 1.67
C ILE D 65 -16.98 -20.61 0.29
N VAL D 66 -18.10 -20.16 -0.25
CA VAL D 66 -18.09 -19.53 -1.55
C VAL D 66 -18.35 -18.08 -1.36
N VAL D 67 -17.69 -17.27 -2.15
CA VAL D 67 -17.84 -15.83 -2.09
C VAL D 67 -17.83 -15.37 -3.52
N SER D 68 -18.89 -14.70 -3.96
CA SER D 68 -18.91 -14.25 -5.34
C SER D 68 -19.01 -12.75 -5.36
N GLN D 69 -18.19 -12.11 -6.20
CA GLN D 69 -18.28 -10.67 -6.29
C GLN D 69 -18.44 -10.22 -7.72
N LEU D 70 -19.54 -9.50 -7.95
CA LEU D 70 -19.90 -8.95 -9.24
C LEU D 70 -19.18 -7.63 -9.32
N ARG D 71 -18.62 -7.32 -10.47
CA ARG D 71 -17.92 -6.08 -10.62
C ARG D 71 -18.49 -5.31 -11.76
N ILE D 72 -18.80 -4.04 -11.49
CA ILE D 72 -19.32 -3.18 -12.53
C ILE D 72 -18.15 -2.26 -12.83
N THR D 73 -17.74 -2.27 -14.09
CA THR D 73 -16.61 -1.46 -14.53
C THR D 73 -16.96 0.01 -14.66
N SER D 74 -17.23 0.47 -15.87
CA SER D 74 -17.60 1.86 -16.07
C SER D 74 -19.08 1.99 -15.74
N LEU D 75 -19.39 2.40 -14.51
CA LEU D 75 -20.78 2.53 -14.08
C LEU D 75 -21.59 3.47 -14.94
N GLN D 76 -22.59 2.95 -15.64
CA GLN D 76 -23.42 3.83 -16.46
C GLN D 76 -24.81 3.89 -15.85
N LEU D 77 -25.82 4.28 -16.63
CA LEU D 77 -27.17 4.40 -16.09
C LEU D 77 -27.93 3.10 -15.89
N SER D 78 -27.90 2.25 -16.92
CA SER D 78 -28.58 0.96 -16.92
C SER D 78 -28.18 0.05 -15.76
N ASP D 79 -26.91 0.10 -15.38
CA ASP D 79 -26.42 -0.73 -14.29
C ASP D 79 -27.14 -0.43 -12.97
N THR D 80 -28.06 0.50 -13.01
CA THR D 80 -28.77 0.89 -11.81
C THR D 80 -29.89 -0.09 -11.45
N GLY D 81 -29.93 -0.51 -10.18
CA GLY D 81 -30.97 -1.43 -9.76
C GLY D 81 -30.72 -2.16 -8.45
N GLN D 82 -31.56 -3.15 -8.21
CA GLN D 82 -31.47 -3.98 -7.01
C GLN D 82 -30.78 -5.27 -7.50
N TYR D 83 -29.68 -5.64 -6.84
CA TYR D 83 -28.90 -6.81 -7.22
C TYR D 83 -28.96 -7.84 -6.13
N GLN D 84 -28.92 -9.13 -6.50
CA GLN D 84 -28.92 -10.22 -5.52
C GLN D 84 -28.32 -11.50 -6.10
N CYS D 85 -27.79 -12.34 -5.21
CA CYS D 85 -27.14 -13.60 -5.57
C CYS D 85 -28.10 -14.76 -5.65
N LEU D 86 -27.80 -15.72 -6.54
CA LEU D 86 -28.65 -16.87 -6.74
C LEU D 86 -27.87 -18.18 -6.88
N VAL D 87 -28.24 -19.18 -6.09
CA VAL D 87 -27.59 -20.49 -6.18
C VAL D 87 -28.63 -21.58 -6.23
N PHE D 88 -28.35 -22.62 -7.02
CA PHE D 88 -29.26 -23.75 -7.13
C PHE D 88 -28.77 -24.89 -6.27
N LEU D 89 -29.55 -25.27 -5.26
CA LEU D 89 -29.15 -26.41 -4.43
C LEU D 89 -30.15 -27.55 -4.69
N GLY D 90 -29.87 -28.32 -5.74
CA GLY D 90 -30.75 -29.39 -6.11
C GLY D 90 -31.77 -28.74 -7.03
N HIS D 91 -33.00 -29.27 -7.05
CA HIS D 91 -34.04 -28.68 -7.90
C HIS D 91 -34.56 -27.42 -7.19
N GLN D 92 -34.06 -27.19 -5.99
CA GLN D 92 -34.44 -26.02 -5.19
C GLN D 92 -33.65 -24.78 -5.62
N THR D 93 -34.03 -23.61 -5.10
CA THR D 93 -33.37 -22.36 -5.47
C THR D 93 -33.15 -21.39 -4.29
N PHE D 94 -32.05 -20.65 -4.30
CA PHE D 94 -31.79 -19.71 -3.21
C PHE D 94 -31.28 -18.33 -3.63
N VAL D 95 -31.85 -17.30 -3.00
CA VAL D 95 -31.49 -15.92 -3.29
C VAL D 95 -31.02 -15.17 -2.06
N SER D 96 -30.09 -14.26 -2.27
CA SER D 96 -29.53 -13.45 -1.18
C SER D 96 -30.37 -12.22 -0.92
N GLN D 97 -30.11 -11.56 0.20
CA GLN D 97 -30.82 -10.34 0.50
C GLN D 97 -30.42 -9.47 -0.67
N PRO D 98 -31.12 -8.36 -0.94
CA PRO D 98 -30.70 -7.55 -2.08
C PRO D 98 -29.80 -6.36 -1.73
N GLY D 99 -29.16 -5.83 -2.76
CA GLY D 99 -28.27 -4.70 -2.62
C GLY D 99 -28.66 -3.82 -3.78
N TYR D 100 -28.45 -2.52 -3.65
CA TYR D 100 -28.87 -1.61 -4.70
C TYR D 100 -27.72 -0.74 -5.18
N VAL D 101 -27.64 -0.53 -6.48
CA VAL D 101 -26.59 0.33 -7.03
C VAL D 101 -27.21 1.47 -7.84
N GLY D 102 -26.95 2.70 -7.38
CA GLY D 102 -27.49 3.87 -8.04
C GLY D 102 -26.46 4.90 -8.48
N LEU D 103 -26.73 5.50 -9.64
CA LEU D 103 -25.90 6.53 -10.25
C LEU D 103 -26.16 7.87 -9.56
N GLU D 104 -25.12 8.59 -9.22
CA GLU D 104 -25.29 9.85 -8.52
C GLU D 104 -24.02 10.70 -8.47
N GLY D 105 -23.99 11.75 -9.30
CA GLY D 105 -22.82 12.64 -9.34
C GLY D 105 -23.13 14.04 -9.83
N LEU D 106 -22.10 14.82 -10.14
CA LEU D 106 -22.28 16.20 -10.61
C LEU D 106 -23.06 16.26 -11.92
N PRO D 107 -23.48 17.47 -12.32
CA PRO D 107 -24.23 17.69 -13.55
C PRO D 107 -23.47 17.29 -14.80
N TYR D 108 -24.20 16.81 -15.78
CA TYR D 108 -23.64 16.35 -17.04
C TYR D 108 -24.18 17.28 -18.12
N PHE D 109 -23.31 17.90 -18.92
CA PHE D 109 -23.87 18.78 -19.94
C PHE D 109 -24.39 18.06 -21.17
N LEU D 110 -25.43 18.61 -21.79
CA LEU D 110 -26.03 18.04 -23.00
C LEU D 110 -25.85 19.04 -24.13
N GLU D 111 -25.78 20.31 -23.74
CA GLU D 111 -25.60 21.40 -24.67
C GLU D 111 -24.84 22.49 -23.90
N GLU D 112 -23.81 23.07 -24.52
CA GLU D 112 -23.02 24.13 -23.89
C GLU D 112 -22.94 25.35 -24.78
N PRO D 113 -22.77 26.54 -24.19
CA PRO D 113 -22.69 27.73 -25.03
C PRO D 113 -21.70 27.54 -26.17
N GLU D 114 -22.14 27.79 -27.39
CA GLU D 114 -21.26 27.63 -28.54
C GLU D 114 -20.61 28.96 -28.95
N ASP D 115 -19.51 28.87 -29.68
CA ASP D 115 -18.80 30.05 -30.14
C ASP D 115 -19.58 30.68 -31.30
N ARG D 116 -19.64 32.00 -31.33
CA ARG D 116 -20.34 32.68 -32.41
C ARG D 116 -19.65 33.97 -32.81
N THR D 117 -20.02 34.46 -33.98
CA THR D 117 -19.47 35.69 -34.51
C THR D 117 -20.65 36.48 -35.10
N VAL D 118 -21.15 37.41 -34.30
CA VAL D 118 -22.31 38.21 -34.67
C VAL D 118 -22.02 39.66 -35.01
N ALA D 119 -22.91 40.26 -35.80
CA ALA D 119 -22.76 41.65 -36.18
C ALA D 119 -23.08 42.47 -34.93
N ALA D 120 -22.41 43.59 -34.77
CA ALA D 120 -22.62 44.44 -33.61
C ALA D 120 -24.09 44.78 -33.35
N ASN D 121 -24.38 45.08 -32.09
CA ASN D 121 -25.72 45.45 -31.64
C ASN D 121 -26.89 44.66 -32.23
N THR D 122 -26.64 43.38 -32.50
CA THR D 122 -27.66 42.46 -33.03
C THR D 122 -27.99 41.41 -31.98
N PRO D 123 -29.25 40.98 -31.90
CA PRO D 123 -29.64 39.97 -30.90
C PRO D 123 -29.33 38.53 -31.28
N PHE D 124 -29.12 37.69 -30.27
CA PHE D 124 -28.83 36.29 -30.47
C PHE D 124 -29.05 35.52 -29.18
N ASN D 125 -29.01 34.20 -29.26
CA ASN D 125 -29.23 33.38 -28.07
C ASN D 125 -28.19 32.28 -27.89
N LEU D 126 -27.93 31.92 -26.65
CA LEU D 126 -26.99 30.85 -26.34
C LEU D 126 -27.79 29.79 -25.58
N SER D 127 -27.29 28.57 -25.50
CA SER D 127 -28.04 27.52 -24.81
C SER D 127 -27.21 26.78 -23.80
N CYS D 128 -27.86 26.14 -22.86
CA CYS D 128 -27.09 25.43 -21.87
C CYS D 128 -27.90 24.43 -21.10
N GLN D 129 -27.97 23.21 -21.61
CA GLN D 129 -28.71 22.14 -20.94
C GLN D 129 -27.77 21.30 -20.09
N ALA D 130 -28.32 20.62 -19.09
CA ALA D 130 -27.50 19.79 -18.24
C ALA D 130 -28.37 18.87 -17.41
N GLN D 131 -28.08 17.57 -17.47
CA GLN D 131 -28.85 16.58 -16.73
C GLN D 131 -28.16 16.11 -15.48
N GLY D 132 -28.94 15.42 -14.64
CA GLY D 132 -28.45 14.86 -13.40
C GLY D 132 -28.24 13.39 -13.69
N PRO D 133 -28.44 12.48 -12.71
CA PRO D 133 -28.85 12.66 -11.33
C PRO D 133 -27.70 12.96 -10.39
N PRO D 134 -28.02 13.45 -9.19
CA PRO D 134 -29.41 13.70 -8.81
C PRO D 134 -29.94 14.99 -9.44
N GLU D 135 -31.26 15.11 -9.47
CA GLU D 135 -31.91 16.30 -9.97
C GLU D 135 -32.48 16.96 -8.71
N PRO D 136 -32.93 18.22 -8.78
CA PRO D 136 -32.96 19.11 -9.94
C PRO D 136 -31.60 19.79 -10.12
N VAL D 137 -31.30 20.26 -11.32
CA VAL D 137 -30.04 20.96 -11.54
C VAL D 137 -30.33 22.40 -11.91
N ASP D 138 -29.76 23.31 -11.13
CA ASP D 138 -29.95 24.74 -11.34
C ASP D 138 -28.82 25.29 -12.20
N LEU D 139 -29.18 26.08 -13.21
CA LEU D 139 -28.20 26.69 -14.08
C LEU D 139 -27.85 28.10 -13.62
N LEU D 140 -26.82 28.70 -14.21
CA LEU D 140 -26.40 30.05 -13.85
C LEU D 140 -25.38 30.60 -14.85
N TRP D 141 -25.76 31.61 -15.63
CA TRP D 141 -24.82 32.12 -16.61
C TRP D 141 -23.76 33.07 -16.07
N LEU D 142 -22.77 33.35 -16.91
CA LEU D 142 -21.67 34.25 -16.57
C LEU D 142 -21.28 35.02 -17.81
N GLN D 143 -21.01 36.31 -17.67
CA GLN D 143 -20.58 37.10 -18.81
C GLN D 143 -19.23 37.68 -18.46
N ASP D 144 -18.24 37.41 -19.30
CA ASP D 144 -16.89 37.88 -19.07
C ASP D 144 -16.56 37.53 -17.62
N ALA D 145 -16.83 36.29 -17.23
CA ALA D 145 -16.56 35.80 -15.88
C ALA D 145 -17.42 36.51 -14.80
N VAL D 146 -18.62 36.91 -15.18
CA VAL D 146 -19.48 37.58 -14.24
C VAL D 146 -20.88 37.01 -14.15
N PRO D 147 -21.30 36.63 -12.96
CA PRO D 147 -22.64 36.08 -12.79
C PRO D 147 -23.68 37.04 -13.32
N LEU D 148 -24.78 36.50 -13.86
CA LEU D 148 -25.86 37.32 -14.41
C LEU D 148 -27.05 37.12 -13.53
N ALA D 149 -26.79 36.67 -12.31
CA ALA D 149 -27.86 36.45 -11.36
C ALA D 149 -27.27 36.22 -9.99
N THR D 150 -28.10 36.44 -8.98
CA THR D 150 -27.73 36.31 -7.59
C THR D 150 -27.14 34.93 -7.27
N ALA D 151 -27.90 33.89 -7.61
CA ALA D 151 -27.49 32.51 -7.35
C ALA D 151 -28.07 31.52 -8.36
N PRO D 152 -27.58 30.27 -8.35
CA PRO D 152 -28.05 29.23 -9.27
C PRO D 152 -29.57 29.11 -9.29
N GLY D 153 -30.11 28.76 -10.45
CA GLY D 153 -31.56 28.59 -10.58
C GLY D 153 -32.25 29.90 -10.89
N HIS D 154 -31.58 30.99 -10.54
CA HIS D 154 -32.11 32.33 -10.75
C HIS D 154 -31.57 32.93 -12.05
N GLY D 155 -32.43 33.60 -12.78
CA GLY D 155 -31.99 34.23 -14.02
C GLY D 155 -32.26 33.33 -15.20
N PRO D 156 -31.66 33.61 -16.36
CA PRO D 156 -31.89 32.78 -17.53
C PRO D 156 -31.31 31.38 -17.32
N GLN D 157 -31.82 30.40 -18.06
CA GLN D 157 -31.39 29.02 -17.97
C GLN D 157 -31.75 28.26 -19.24
N ARG D 158 -30.91 27.31 -19.66
CA ARG D 158 -31.19 26.52 -20.85
C ARG D 158 -31.22 27.37 -22.10
N SER D 159 -31.45 28.67 -21.93
CA SER D 159 -31.49 29.58 -23.06
C SER D 159 -31.41 31.03 -22.59
N LEU D 160 -30.30 31.67 -22.95
CA LEU D 160 -30.06 33.04 -22.58
C LEU D 160 -30.08 33.91 -23.81
N HIS D 161 -30.91 34.94 -23.79
CA HIS D 161 -31.02 35.86 -24.90
C HIS D 161 -30.12 37.08 -24.67
N VAL D 162 -29.25 37.36 -25.63
CA VAL D 162 -28.38 38.51 -25.52
C VAL D 162 -28.91 39.52 -26.51
N PRO D 163 -29.36 40.70 -26.04
CA PRO D 163 -29.87 41.72 -26.96
C PRO D 163 -28.83 42.16 -27.97
N GLY D 164 -27.64 42.47 -27.51
CA GLY D 164 -26.61 42.91 -28.42
C GLY D 164 -25.27 43.09 -27.76
N LEU D 165 -24.21 43.15 -28.56
CA LEU D 165 -22.86 43.33 -28.04
C LEU D 165 -22.05 44.27 -28.92
N ASN D 166 -21.55 45.36 -28.34
CA ASN D 166 -20.76 46.33 -29.09
C ASN D 166 -19.27 46.01 -29.08
N LYS D 167 -18.94 44.80 -28.63
CA LYS D 167 -17.56 44.32 -28.57
C LYS D 167 -17.56 42.83 -28.21
N THR D 168 -16.54 42.11 -28.67
CA THR D 168 -16.42 40.68 -28.38
C THR D 168 -16.47 40.37 -26.87
N SER D 169 -17.33 39.45 -26.50
CA SER D 169 -17.48 39.05 -25.10
C SER D 169 -17.52 37.53 -24.97
N SER D 170 -17.60 37.02 -23.74
CA SER D 170 -17.64 35.58 -23.50
C SER D 170 -18.65 35.19 -22.42
N PHE D 171 -19.26 34.01 -22.58
CA PHE D 171 -20.24 33.50 -21.62
C PHE D 171 -19.93 32.07 -21.16
N SER D 172 -20.21 31.79 -19.89
CA SER D 172 -19.99 30.47 -19.33
C SER D 172 -21.36 30.06 -18.89
N CYS D 173 -21.45 28.89 -18.24
CA CYS D 173 -22.72 28.38 -17.74
C CYS D 173 -22.49 27.35 -16.70
N GLU D 174 -22.65 27.70 -15.43
CA GLU D 174 -22.46 26.75 -14.37
C GLU D 174 -23.71 25.90 -14.32
N ALA D 175 -23.59 24.74 -13.68
CA ALA D 175 -24.69 23.80 -13.53
C ALA D 175 -24.48 23.22 -12.15
N HIS D 176 -25.46 23.41 -11.27
CA HIS D 176 -25.33 22.90 -9.90
C HIS D 176 -26.38 21.87 -9.54
N ASN D 177 -26.05 21.05 -8.55
CA ASN D 177 -26.94 20.05 -7.98
C ASN D 177 -26.35 19.56 -6.68
N ALA D 178 -27.18 18.90 -5.89
CA ALA D 178 -26.78 18.42 -4.58
C ALA D 178 -25.35 17.90 -4.46
N LYS D 179 -24.78 17.41 -5.55
CA LYS D 179 -23.42 16.87 -5.49
C LYS D 179 -22.35 17.93 -5.55
N GLY D 180 -22.57 18.94 -6.40
CA GLY D 180 -21.60 20.02 -6.54
C GLY D 180 -21.85 20.76 -7.83
N VAL D 181 -20.82 21.39 -8.37
CA VAL D 181 -21.02 22.14 -9.60
C VAL D 181 -20.04 21.80 -10.70
N THR D 182 -20.53 21.87 -11.93
CA THR D 182 -19.71 21.63 -13.09
C THR D 182 -19.95 22.79 -14.04
N THR D 183 -18.89 23.55 -14.30
CA THR D 183 -18.94 24.71 -15.17
C THR D 183 -18.73 24.30 -16.62
N SER D 184 -19.43 24.95 -17.53
CA SER D 184 -19.31 24.62 -18.94
C SER D 184 -18.09 25.29 -19.53
N ARG D 185 -17.90 25.08 -20.81
CA ARG D 185 -16.78 25.67 -21.51
C ARG D 185 -17.12 27.14 -21.66
N THR D 186 -16.11 27.95 -21.95
CA THR D 186 -16.32 29.38 -22.11
C THR D 186 -16.48 29.70 -23.58
N ALA D 187 -17.68 30.15 -23.93
CA ALA D 187 -17.97 30.51 -25.31
C ALA D 187 -17.54 31.95 -25.57
N THR D 188 -16.98 32.16 -26.76
CA THR D 188 -16.50 33.49 -27.16
C THR D 188 -17.32 34.01 -28.33
N ILE D 189 -18.02 35.12 -28.10
CA ILE D 189 -18.81 35.74 -29.15
C ILE D 189 -17.97 36.85 -29.79
N THR D 190 -17.69 36.71 -31.09
CA THR D 190 -16.87 37.69 -31.80
C THR D 190 -17.73 38.72 -32.52
N VAL D 191 -17.48 40.01 -32.24
CA VAL D 191 -18.24 41.11 -32.85
C VAL D 191 -17.54 41.72 -34.08
N LEU D 192 -18.33 42.21 -35.03
CA LEU D 192 -17.79 42.78 -36.27
C LEU D 192 -18.00 44.30 -36.50
N PRO D 193 -19.16 44.76 -36.35
C1 NAG E . 9.37 26.37 -12.76
C2 NAG E . 9.26 27.43 -13.82
C3 NAG E . 10.60 28.09 -14.12
C4 NAG E . 11.41 28.43 -12.85
C5 NAG E . 11.37 27.25 -11.87
C6 NAG E . 12.01 27.55 -10.53
C7 NAG E . 7.68 27.21 -15.63
C8 NAG E . 7.70 27.37 -17.15
N2 NAG E . 8.79 26.79 -15.04
O3 NAG E . 10.35 29.28 -14.86
O4 NAG E . 12.78 28.70 -13.21
O5 NAG E . 10.00 26.88 -11.61
O6 NAG E . 11.99 28.94 -10.26
O7 NAG E . 6.66 27.47 -14.99
C1 NAG E . 13.20 30.01 -13.36
C2 NAG E . 14.74 30.06 -13.28
C3 NAG E . 15.25 31.48 -13.59
C4 NAG E . 14.71 31.95 -14.95
C5 NAG E . 13.17 31.83 -14.94
C6 NAG E . 12.56 32.19 -16.30
C7 NAG E . 15.83 28.47 -11.86
C8 NAG E . 16.10 27.96 -10.44
N2 NAG E . 15.21 29.63 -11.99
O3 NAG E . 16.68 31.47 -13.62
O4 NAG E . 15.10 33.30 -15.19
O5 NAG E . 12.77 30.47 -14.66
O6 NAG E . 12.82 31.20 -17.28
O7 NAG E . 16.20 27.80 -12.84
C1 NAG F . -13.75 -23.87 -14.14
C2 NAG F . -14.24 -24.55 -15.40
C3 NAG F . -15.68 -25.01 -15.23
C4 NAG F . -15.85 -25.83 -13.95
C5 NAG F . -15.27 -25.07 -12.75
C6 NAG F . -15.30 -25.85 -11.45
C7 NAG F . -13.10 -23.61 -17.28
C8 NAG F . -12.16 -22.43 -17.19
N2 NAG F . -14.17 -23.61 -16.50
O3 NAG F . -16.04 -25.78 -16.36
O4 NAG F . -17.27 -26.06 -13.73
O5 NAG F . -13.89 -24.74 -13.01
O6 NAG F . -15.58 -25.01 -10.34
O7 NAG F . -12.86 -24.53 -18.06
C1 NAG F . -17.76 -27.32 -14.03
C2 NAG F . -19.11 -27.54 -13.34
C3 NAG F . -19.58 -28.96 -13.64
C4 NAG F . -19.76 -29.08 -15.18
C5 NAG F . -18.41 -28.73 -15.89
C6 NAG F . -18.51 -28.69 -17.41
C7 NAG F . -19.61 -26.23 -11.39
C8 NAG F . -19.46 -26.02 -9.88
N2 NAG F . -19.01 -27.31 -11.91
O3 NAG F . -20.81 -29.21 -12.97
O4 NAG F . -20.18 -30.40 -15.54
O5 NAG F . -17.93 -27.42 -15.45
O6 NAG F . -18.74 -27.38 -17.90
O7 NAG F . -20.24 -25.41 -12.06
CA CA G . -5.44 31.48 6.82
CA CA H . 6.21 -32.09 -1.59
NI NI I . 28.50 34.67 -14.68
S SO4 J . 17.30 -25.30 -46.60
O1 SO4 J . 16.25 -26.33 -46.70
O2 SO4 J . 17.95 -25.40 -45.27
O3 SO4 J . 16.72 -23.94 -46.76
O4 SO4 J . 18.30 -25.52 -47.66
NI NI K . -32.74 -32.50 -11.49
#